data_8GV5
#
_entry.id   8GV5
#
_cell.length_a   85.797
_cell.length_b   85.797
_cell.length_c   231.289
_cell.angle_alpha   90.000
_cell.angle_beta   90.000
_cell.angle_gamma   120.000
#
_symmetry.space_group_name_H-M   'P 63'
#
loop_
_entity.id
_entity.type
_entity.pdbx_description
1 polymer 'Hemagglutinin HA1 chain'
2 polymer 'Hemagglutinin HA2 chain'
3 polymer 'PN-SIA28 Heavy chain'
4 polymer 'PN-SIA28 Light Chain'
5 non-polymer 2-acetamido-2-deoxy-beta-D-glucopyranose
#
loop_
_entity_poly.entity_id
_entity_poly.type
_entity_poly.pdbx_seq_one_letter_code
_entity_poly.pdbx_strand_id
1 'polypeptide(L)'
;DTICVGYHANNSTDTVDTILEKNVTVTHSVNLLEDSHNGKLCSLNGKSPLQLGNCNVAGWILGNPECDLLLTADSWSYII
ETSNSKNGACYPGEFTDYEELREQLSTVSSFERFEIFPKATSWPNHDTTKGTTVACSHSGAKSFYRNLLWIVQKENSYPK
LSNSYTNNKGKRVLVIWGVHHPPNYRDQQALYRNNHTYVSVESSKYYQRFTPEIVARPKVREQAGRINYYWTLLDQGDTI
TFEATGNLIAPWHAFALKKGSSSGMMVSDAQVHNCTTKCQTPHGALKSNLPFQNVHPITIGECPKYVKSTQLRMATGLRN
IPSIQSRGLF
;
A
2 'polypeptide(L)'
;GAIAGFIEGGWTGMIDGWYGYHHQNEHGSGYAADQKSTQIAIDGIRNKVNSVIEKMNIQFTSVGKEFNSLEKRMENLNKK
VDDGFLDVWTYNAELLILLENERTLDYHDFNVKNLYEKVKSQLRNNAKEIGNGCFEFYHKCDNECMESVKNGTYNYPKYS
EESKLNREEIDGV
;
B
3 'polypeptide(L)'
;QVQLVESGGGVVQPGRSLRLSCAASGFPFSSYGMHWVRQAPGKGLEWVAGVSYDGSYKYYADSVKGRFTISRDSSKSTLY
LQMNSLRPEDTAVYYCARPSAIFGIYIILNGLDVWGQGTTVTVSS
;
C
4 'polypeptide(L)'
;EIVLTQSPSSVSASVGDRVTITCRATQGISSWLAWYQQKPGKPPKLLIFGASSLQSGVPSRFSGSGSGTDFTLTISSLQP
EDFATYFCQQAHSFPLTFGGGTKVEIKR
;
D
#
# COMPACT_ATOMS: atom_id res chain seq x y z
N ASP A 1 -1.47 7.23 -53.12
CA ASP A 1 -0.66 6.26 -52.40
C ASP A 1 0.31 6.92 -51.43
N THR A 2 -0.17 7.27 -50.24
CA THR A 2 0.67 7.89 -49.23
C THR A 2 0.61 7.09 -47.93
N ILE A 3 1.69 7.18 -47.15
CA ILE A 3 1.75 6.59 -45.82
C ILE A 3 2.46 7.57 -44.89
N CYS A 4 1.81 7.93 -43.80
CA CYS A 4 2.36 8.89 -42.85
C CYS A 4 2.87 8.17 -41.61
N VAL A 5 3.83 8.80 -40.92
CA VAL A 5 4.30 8.34 -39.62
C VAL A 5 4.01 9.45 -38.62
N GLY A 6 3.27 9.11 -37.57
CA GLY A 6 2.84 10.10 -36.61
C GLY A 6 2.77 9.50 -35.23
N TYR A 7 2.38 10.34 -34.27
CA TYR A 7 2.39 10.00 -32.86
C TYR A 7 1.02 10.30 -32.26
N HIS A 8 0.89 10.04 -30.97
CA HIS A 8 -0.40 10.11 -30.28
C HIS A 8 -0.66 11.51 -29.71
N ALA A 9 -1.94 11.83 -29.61
CA ALA A 9 -2.43 12.99 -28.86
C ALA A 9 -3.87 12.72 -28.47
N ASN A 10 -4.32 13.40 -27.43
CA ASN A 10 -5.67 13.19 -26.92
C ASN A 10 -6.14 14.45 -26.22
N ASN A 11 -7.41 14.46 -25.81
CA ASN A 11 -7.96 15.71 -25.28
C ASN A 11 -7.55 15.86 -23.81
N SER A 12 -6.25 15.73 -23.54
CA SER A 12 -5.68 15.80 -22.21
C SER A 12 -5.27 17.22 -21.85
N THR A 13 -5.18 17.48 -20.54
CA THR A 13 -4.82 18.79 -20.02
C THR A 13 -3.72 18.72 -18.97
N ASP A 14 -3.35 17.52 -18.50
CA ASP A 14 -2.29 17.38 -17.52
C ASP A 14 -0.99 17.99 -18.04
N THR A 15 -0.36 18.82 -17.22
CA THR A 15 0.90 19.48 -17.59
C THR A 15 1.99 19.09 -16.60
N VAL A 16 3.12 18.63 -17.13
CA VAL A 16 4.29 18.31 -16.33
C VAL A 16 5.35 19.35 -16.61
N ASP A 17 6.24 19.54 -15.64
CA ASP A 17 7.36 20.45 -15.78
C ASP A 17 8.64 19.68 -16.09
N THR A 18 9.51 20.29 -16.88
CA THR A 18 10.82 19.76 -17.19
C THR A 18 11.87 20.76 -16.76
N ILE A 19 13.14 20.39 -16.95
CA ILE A 19 14.21 21.30 -16.56
C ILE A 19 14.38 22.44 -17.55
N LEU A 20 13.90 22.31 -18.78
CA LEU A 20 14.08 23.34 -19.78
C LEU A 20 12.81 24.13 -20.11
N GLU A 21 11.64 23.67 -19.69
CA GLU A 21 10.39 24.38 -20.01
C GLU A 21 9.31 24.00 -19.00
N LYS A 22 8.30 24.86 -18.91
CA LYS A 22 7.25 24.76 -17.90
C LYS A 22 5.95 24.25 -18.51
N ASN A 23 5.08 23.77 -17.63
CA ASN A 23 3.68 23.47 -17.92
C ASN A 23 3.52 22.83 -19.29
N VAL A 24 4.31 21.80 -19.54
CA VAL A 24 4.27 21.08 -20.81
C VAL A 24 3.05 20.16 -20.81
N THR A 25 2.11 20.44 -21.71
CA THR A 25 0.91 19.62 -21.79
C THR A 25 1.29 18.24 -22.34
N VAL A 26 1.05 17.21 -21.54
CA VAL A 26 1.49 15.85 -21.84
C VAL A 26 0.28 14.92 -21.87
N THR A 27 0.35 13.91 -22.73
CA THR A 27 -0.82 13.07 -22.97
C THR A 27 -1.21 12.24 -21.75
N HIS A 28 -0.24 11.87 -20.92
CA HIS A 28 -0.53 11.23 -19.65
C HIS A 28 0.59 11.54 -18.66
N SER A 29 0.24 11.51 -17.38
CA SER A 29 1.21 11.71 -16.31
C SER A 29 0.81 10.89 -15.10
N VAL A 30 1.82 10.48 -14.33
CA VAL A 30 1.63 9.76 -13.08
C VAL A 30 2.17 10.65 -11.96
N ASN A 31 1.31 10.93 -10.98
CA ASN A 31 1.73 11.71 -9.82
C ASN A 31 2.37 10.79 -8.79
N LEU A 32 3.48 11.26 -8.22
CA LEU A 32 4.24 10.49 -7.25
C LEU A 32 4.20 11.14 -5.86
N LEU A 33 3.07 11.75 -5.52
CA LEU A 33 2.93 12.44 -4.25
C LEU A 33 1.55 12.14 -3.68
N GLU A 34 1.52 11.48 -2.53
CA GLU A 34 0.28 11.21 -1.83
C GLU A 34 -0.10 12.44 -1.01
N ASP A 35 -1.24 13.05 -1.35
CA ASP A 35 -1.68 14.28 -0.69
C ASP A 35 -3.09 14.19 -0.13
N SER A 36 -3.70 13.00 -0.14
CA SER A 36 -5.02 12.78 0.41
C SER A 36 -4.93 11.83 1.60
N HIS A 37 -5.71 12.12 2.64
CA HIS A 37 -5.61 11.34 3.90
C HIS A 37 -6.98 10.88 4.44
N ASN A 38 -7.94 11.80 4.53
CA ASN A 38 -9.31 11.50 5.05
C ASN A 38 -9.18 10.94 6.48
N GLY A 39 -9.38 11.79 7.50
CA GLY A 39 -9.23 11.29 8.84
C GLY A 39 -9.87 9.96 9.17
N LYS A 40 -9.01 8.99 9.46
CA LYS A 40 -9.45 7.68 9.92
C LYS A 40 -8.27 7.10 10.68
N LEU A 41 -8.29 7.21 12.02
CA LEU A 41 -7.16 6.78 12.84
C LEU A 41 -7.10 5.26 12.76
N CYS A 42 -6.57 4.80 11.63
CA CYS A 42 -6.75 3.44 11.20
C CYS A 42 -5.99 2.48 12.11
N SER A 43 -6.47 1.24 12.13
CA SER A 43 -5.76 0.14 12.77
C SER A 43 -4.82 -0.43 11.74
N LEU A 44 -3.62 0.14 11.70
CA LEU A 44 -2.65 -0.28 10.66
C LEU A 44 -2.36 -1.76 10.84
N ASN A 45 -1.95 -2.42 9.75
CA ASN A 45 -1.66 -3.88 9.77
C ASN A 45 -2.86 -4.61 10.36
N GLY A 46 -2.69 -5.21 11.54
CA GLY A 46 -3.77 -5.94 12.15
C GLY A 46 -4.20 -5.40 13.50
N LYS A 47 -3.22 -4.98 14.28
CA LYS A 47 -3.43 -4.64 15.69
C LYS A 47 -4.18 -3.32 15.78
N SER A 48 -5.38 -3.36 16.34
CA SER A 48 -6.13 -2.15 16.60
C SER A 48 -5.28 -1.19 17.45
N PRO A 49 -5.39 0.12 17.24
CA PRO A 49 -4.60 1.04 18.07
C PRO A 49 -5.10 1.08 19.50
N LEU A 50 -4.46 1.89 20.33
CA LEU A 50 -4.91 2.11 21.69
C LEU A 50 -5.23 3.59 21.85
N GLN A 51 -6.49 3.90 22.15
CA GLN A 51 -6.88 5.26 22.52
C GLN A 51 -6.86 5.39 24.03
N LEU A 52 -6.07 6.33 24.52
CA LEU A 52 -6.04 6.62 25.95
C LEU A 52 -7.17 7.55 26.39
N GLY A 53 -7.88 8.15 25.44
CA GLY A 53 -9.04 8.98 25.79
C GLY A 53 -8.64 10.20 26.58
N ASN A 54 -9.34 10.46 27.68
CA ASN A 54 -9.00 11.57 28.56
C ASN A 54 -7.76 11.29 29.41
N CYS A 55 -7.13 10.14 29.22
CA CYS A 55 -5.96 9.74 29.98
C CYS A 55 -4.70 9.86 29.13
N ASN A 56 -3.57 9.99 29.80
CA ASN A 56 -2.27 10.00 29.15
C ASN A 56 -1.49 8.75 29.56
N VAL A 57 -0.22 8.67 29.15
CA VAL A 57 0.60 7.52 29.52
C VAL A 57 0.78 7.44 31.03
N ALA A 58 0.83 8.60 31.70
CA ALA A 58 0.98 8.59 33.16
C ALA A 58 -0.21 7.89 33.82
N GLY A 59 -1.41 8.41 33.62
CA GLY A 59 -2.60 7.82 34.23
C GLY A 59 -2.91 6.42 33.77
N TRP A 60 -2.39 6.01 32.61
CA TRP A 60 -2.58 4.64 32.14
C TRP A 60 -1.60 3.67 32.78
N ILE A 61 -0.34 4.08 32.92
CA ILE A 61 0.67 3.22 33.51
C ILE A 61 0.49 3.14 35.02
N LEU A 62 0.21 4.26 35.68
CA LEU A 62 0.03 4.26 37.12
C LEU A 62 -1.23 3.56 37.58
N GLY A 63 -2.24 3.46 36.72
CA GLY A 63 -3.52 2.94 37.14
C GLY A 63 -4.37 3.95 37.87
N ASN A 64 -4.40 5.20 37.41
CA ASN A 64 -5.28 6.20 37.98
C ASN A 64 -6.72 5.70 37.92
N PRO A 65 -7.45 5.70 39.05
CA PRO A 65 -8.84 5.21 39.01
C PRO A 65 -9.72 5.92 37.99
N GLU A 66 -9.36 7.13 37.54
CA GLU A 66 -10.04 7.70 36.39
C GLU A 66 -9.81 6.88 35.13
N CYS A 67 -8.68 6.20 35.05
CA CYS A 67 -8.27 5.43 33.87
C CYS A 67 -8.44 3.95 34.20
N ASP A 68 -9.66 3.45 34.02
CA ASP A 68 -9.95 2.05 34.34
C ASP A 68 -10.18 1.19 33.12
N LEU A 69 -10.75 1.74 32.05
CA LEU A 69 -10.98 0.96 30.83
C LEU A 69 -9.67 0.38 30.32
N LEU A 70 -8.63 1.22 30.26
CA LEU A 70 -7.34 0.87 29.71
C LEU A 70 -6.71 -0.35 30.38
N LEU A 71 -7.21 -0.77 31.54
CA LEU A 71 -6.71 -1.96 32.20
C LEU A 71 -6.91 -3.21 31.35
N THR A 72 -7.93 -3.19 30.50
CA THR A 72 -8.30 -4.32 29.62
C THR A 72 -7.18 -4.62 28.61
N ALA A 73 -6.77 -3.60 27.87
CA ALA A 73 -5.73 -3.64 26.82
C ALA A 73 -4.55 -4.53 27.19
N ASP A 74 -4.30 -5.53 26.36
CA ASP A 74 -3.12 -6.39 26.47
C ASP A 74 -2.29 -6.12 25.22
N SER A 75 -2.92 -5.55 24.18
CA SER A 75 -2.25 -5.28 22.87
C SER A 75 -2.77 -4.00 22.21
N TRP A 76 -2.00 -3.51 21.23
CA TRP A 76 -2.28 -2.30 20.41
C TRP A 76 -1.21 -2.20 19.32
N SER A 77 -1.50 -1.64 18.13
CA SER A 77 -0.36 -1.51 17.20
C SER A 77 0.40 -0.24 17.55
N TYR A 78 -0.34 0.78 18.00
CA TYR A 78 0.28 2.04 18.39
C TYR A 78 -0.64 2.77 19.35
N ILE A 79 -0.06 3.73 20.08
CA ILE A 79 -0.73 4.42 21.17
C ILE A 79 -1.19 5.78 20.68
N ILE A 80 -2.38 6.19 21.11
CA ILE A 80 -2.98 7.46 20.72
C ILE A 80 -3.24 8.28 21.97
N GLU A 81 -2.73 9.50 22.00
CA GLU A 81 -3.12 10.49 22.99
C GLU A 81 -3.96 11.57 22.35
N THR A 82 -4.81 12.20 23.14
CA THR A 82 -5.73 13.22 22.65
C THR A 82 -5.45 14.54 23.34
N SER A 83 -6.12 15.59 22.84
CA SER A 83 -6.01 16.92 23.44
C SER A 83 -6.68 17.01 24.80
N ASN A 84 -7.39 15.96 25.23
CA ASN A 84 -8.02 15.91 26.54
C ASN A 84 -7.28 15.01 27.52
N SER A 85 -6.14 14.46 27.11
CA SER A 85 -5.39 13.50 27.92
C SER A 85 -4.69 14.24 29.07
N LYS A 86 -5.46 14.48 30.13
CA LYS A 86 -4.94 15.16 31.32
C LYS A 86 -5.04 14.34 32.59
N ASN A 87 -5.82 13.27 32.62
CA ASN A 87 -5.91 12.39 33.79
C ASN A 87 -4.63 11.58 33.87
N GLY A 88 -3.58 12.24 34.38
CA GLY A 88 -2.31 11.57 34.59
C GLY A 88 -2.14 11.14 36.03
N ALA A 89 -1.44 11.92 36.84
CA ALA A 89 -1.29 11.54 38.26
C ALA A 89 -2.20 12.42 39.14
N CYS A 90 -3.16 11.84 39.86
CA CYS A 90 -4.03 12.66 40.74
C CYS A 90 -3.16 13.18 41.88
N TYR A 91 -2.68 12.30 42.75
CA TYR A 91 -1.73 12.77 43.78
C TYR A 91 -0.57 13.27 42.93
N PRO A 92 -0.19 14.54 42.97
CA PRO A 92 0.79 15.03 42.02
C PRO A 92 2.22 14.54 42.32
N GLY A 93 3.10 14.54 41.31
CA GLY A 93 4.50 14.10 41.54
C GLY A 93 5.31 13.98 40.27
N GLU A 94 6.63 14.12 40.39
CA GLU A 94 7.58 14.04 39.27
C GLU A 94 7.70 12.60 38.81
N PHE A 95 7.13 12.30 37.66
CA PHE A 95 7.39 11.02 37.00
C PHE A 95 8.75 11.17 36.35
N THR A 96 9.82 10.73 37.02
CA THR A 96 11.16 11.01 36.52
C THR A 96 11.46 10.22 35.26
N ASP A 97 12.13 10.88 34.31
CA ASP A 97 12.47 10.29 33.02
C ASP A 97 11.23 9.90 32.24
N TYR A 98 10.16 10.68 32.44
CA TYR A 98 8.87 10.37 31.82
C TYR A 98 8.98 10.24 30.31
N GLU A 99 9.83 11.06 29.69
CA GLU A 99 10.04 10.93 28.25
C GLU A 99 10.71 9.60 27.91
N GLU A 100 11.73 9.21 28.69
CA GLU A 100 12.37 7.92 28.48
C GLU A 100 11.36 6.78 28.62
N LEU A 101 10.49 6.86 29.63
CA LEU A 101 9.43 5.87 29.78
C LEU A 101 8.59 5.80 28.51
N ARG A 102 8.07 6.95 28.08
CA ARG A 102 7.21 6.98 26.90
C ARG A 102 7.92 6.39 25.68
N GLU A 103 9.22 6.65 25.56
CA GLU A 103 9.98 6.11 24.44
C GLU A 103 10.07 4.59 24.53
N GLN A 104 10.37 4.07 25.73
CA GLN A 104 10.43 2.63 25.93
C GLN A 104 9.10 1.96 25.63
N LEU A 105 8.01 2.59 26.03
CA LEU A 105 6.64 2.05 25.80
C LEU A 105 6.29 2.17 24.32
N SER A 106 7.31 2.34 23.47
CA SER A 106 7.09 2.46 21.99
C SER A 106 7.42 1.13 21.31
N THR A 107 7.36 0.01 22.01
CA THR A 107 7.72 -1.24 21.31
C THR A 107 6.68 -2.32 21.59
N VAL A 108 5.92 -2.65 20.54
CA VAL A 108 4.92 -3.75 20.42
C VAL A 108 3.74 -3.65 21.39
N SER A 109 2.93 -4.70 21.39
CA SER A 109 1.71 -4.88 22.20
C SER A 109 1.95 -5.96 23.24
N SER A 110 3.03 -5.83 24.00
CA SER A 110 3.39 -6.82 25.04
C SER A 110 2.96 -6.29 26.40
N PHE A 111 1.82 -6.75 26.90
CA PHE A 111 1.33 -6.36 28.23
C PHE A 111 1.03 -7.64 29.03
N GLU A 112 1.07 -7.62 30.36
CA GLU A 112 0.84 -8.86 31.08
C GLU A 112 0.29 -8.58 32.46
N ARG A 113 -0.33 -7.40 32.67
CA ARG A 113 -0.34 -6.76 33.97
C ARG A 113 -0.62 -7.79 35.05
N PHE A 114 0.41 -8.06 35.84
CA PHE A 114 0.49 -9.25 36.67
C PHE A 114 1.03 -8.81 38.01
N GLU A 115 0.75 -9.59 39.04
CA GLU A 115 0.93 -9.09 40.40
C GLU A 115 2.10 -9.76 41.08
N ILE A 116 2.85 -8.93 41.81
CA ILE A 116 4.15 -9.30 42.35
C ILE A 116 4.16 -9.24 43.87
N PHE A 117 3.48 -8.26 44.46
CA PHE A 117 3.34 -8.12 45.91
C PHE A 117 1.85 -7.93 46.17
N PRO A 118 1.06 -9.01 46.15
CA PRO A 118 -0.40 -8.85 46.27
C PRO A 118 -0.81 -8.08 47.50
N LYS A 119 -1.98 -7.44 47.41
CA LYS A 119 -2.36 -6.41 48.38
C LYS A 119 -2.35 -6.94 49.80
N ALA A 120 -2.91 -8.13 50.03
CA ALA A 120 -2.76 -8.80 51.32
C ALA A 120 -2.27 -10.22 51.07
N THR A 121 -0.97 -10.36 50.77
CA THR A 121 -0.23 -11.59 50.96
C THR A 121 1.20 -11.33 51.43
N SER A 122 1.63 -10.07 51.52
CA SER A 122 3.05 -9.77 51.63
C SER A 122 3.39 -8.62 52.57
N TRP A 123 2.46 -8.14 53.38
CA TRP A 123 2.71 -6.94 54.19
C TRP A 123 2.04 -7.07 55.55
N PRO A 124 2.77 -7.57 56.55
CA PRO A 124 2.25 -7.66 57.91
C PRO A 124 2.49 -6.39 58.71
N ASN A 125 1.50 -6.05 59.54
CA ASN A 125 1.47 -4.85 60.39
C ASN A 125 1.45 -3.56 59.57
N HIS A 126 1.42 -3.65 58.24
CA HIS A 126 1.50 -2.48 57.37
C HIS A 126 0.09 -2.13 56.89
N ASP A 127 -0.33 -0.90 57.12
CA ASP A 127 -1.67 -0.47 56.73
C ASP A 127 -1.78 -0.48 55.21
N THR A 128 -2.56 -1.42 54.69
CA THR A 128 -2.83 -1.52 53.26
C THR A 128 -4.27 -1.15 52.95
N THR A 129 -4.81 -0.19 53.69
CA THR A 129 -6.15 0.33 53.41
C THR A 129 -6.25 1.85 53.47
N LYS A 130 -5.26 2.56 54.00
CA LYS A 130 -5.29 4.02 54.02
C LYS A 130 -4.81 4.65 52.72
N GLY A 131 -4.65 3.87 51.66
CA GLY A 131 -4.46 4.47 50.36
C GLY A 131 -5.76 5.13 49.93
N THR A 132 -5.81 6.45 50.00
CA THR A 132 -7.03 7.21 49.73
C THR A 132 -6.68 8.69 49.75
N THR A 133 -7.52 9.43 49.05
CA THR A 133 -7.35 10.88 48.98
C THR A 133 -8.56 11.48 48.31
N VAL A 134 -8.68 12.79 48.42
CA VAL A 134 -9.65 13.55 47.64
C VAL A 134 -9.08 14.01 46.32
N ALA A 135 -7.91 13.46 46.01
CA ALA A 135 -7.18 13.72 44.75
C ALA A 135 -7.57 12.62 43.75
N CYS A 136 -7.34 11.37 44.11
CA CYS A 136 -7.72 10.28 43.18
C CYS A 136 -9.20 9.93 43.38
N SER A 137 -10.07 10.94 43.38
CA SER A 137 -11.48 10.64 43.59
C SER A 137 -12.06 9.78 42.48
N HIS A 138 -12.43 8.54 42.82
CA HIS A 138 -13.22 7.69 41.94
C HIS A 138 -14.67 8.18 42.02
N SER A 139 -14.93 9.30 41.33
CA SER A 139 -16.22 9.98 41.36
C SER A 139 -16.59 10.37 42.79
N GLY A 140 -15.78 11.27 43.34
CA GLY A 140 -16.03 11.85 44.66
C GLY A 140 -15.32 11.21 45.83
N ALA A 141 -15.62 9.94 46.11
CA ALA A 141 -15.06 9.28 47.28
C ALA A 141 -13.55 9.11 47.11
N LYS A 142 -12.86 8.97 48.25
CA LYS A 142 -11.41 8.86 48.25
C LYS A 142 -10.96 7.49 47.77
N SER A 143 -9.85 7.47 47.03
CA SER A 143 -9.28 6.24 46.49
C SER A 143 -7.81 6.48 46.20
N PHE A 144 -7.15 5.47 45.63
CA PHE A 144 -5.74 5.56 45.29
C PHE A 144 -5.49 4.69 44.06
N TYR A 145 -4.34 4.86 43.36
CA TYR A 145 -3.90 4.11 42.15
C TYR A 145 -4.12 2.60 42.28
N ARG A 146 -4.30 2.04 41.10
CA ARG A 146 -4.66 0.65 40.92
C ARG A 146 -3.46 -0.25 40.66
N ASN A 147 -2.26 0.32 40.54
CA ASN A 147 -1.04 -0.46 40.37
C ASN A 147 0.02 -0.14 41.41
N LEU A 148 -0.28 0.74 42.37
CA LEU A 148 0.63 1.03 43.48
C LEU A 148 -0.13 0.84 44.79
N LEU A 149 0.64 0.68 45.87
CA LEU A 149 0.08 0.34 47.17
C LEU A 149 0.74 1.20 48.24
N TRP A 150 -0.04 1.99 48.97
CA TRP A 150 0.51 2.87 50.03
C TRP A 150 0.76 1.99 51.26
N ILE A 151 1.68 2.41 52.12
CA ILE A 151 2.03 1.74 53.38
C ILE A 151 2.13 2.79 54.47
N VAL A 152 1.53 2.51 55.64
CA VAL A 152 1.48 3.44 56.75
C VAL A 152 2.08 2.77 57.99
N GLN A 153 2.11 3.52 59.10
CA GLN A 153 2.81 3.13 60.32
C GLN A 153 1.88 2.61 61.41
N LYS A 154 0.70 2.10 61.04
CA LYS A 154 -0.35 1.80 62.02
C LYS A 154 -0.65 3.05 62.86
N GLU A 155 -0.42 4.21 62.23
CA GLU A 155 -0.72 5.54 62.76
C GLU A 155 0.21 5.99 63.88
N ASN A 156 1.04 5.09 64.41
CA ASN A 156 1.99 5.53 65.43
C ASN A 156 3.35 4.83 65.42
N SER A 157 3.61 3.88 64.52
CA SER A 157 4.87 3.12 64.61
C SER A 157 5.14 2.43 63.28
N TYR A 158 6.19 2.86 62.57
CA TYR A 158 6.47 2.35 61.23
C TYR A 158 7.50 1.23 61.31
N PRO A 159 7.12 -0.03 61.11
CA PRO A 159 8.12 -1.12 61.14
C PRO A 159 8.96 -1.14 59.88
N LYS A 160 9.83 -2.15 59.76
CA LYS A 160 10.74 -2.26 58.63
C LYS A 160 10.21 -3.28 57.63
N LEU A 161 10.57 -3.09 56.36
CA LEU A 161 10.03 -3.89 55.27
C LEU A 161 11.07 -4.07 54.18
N SER A 162 11.12 -5.27 53.60
CA SER A 162 11.96 -5.53 52.44
C SER A 162 11.43 -6.78 51.73
N ASN A 163 10.80 -6.59 50.58
CA ASN A 163 10.35 -7.70 49.73
C ASN A 163 11.07 -7.60 48.40
N SER A 164 11.77 -8.67 48.03
CA SER A 164 12.52 -8.72 46.78
C SER A 164 11.74 -9.52 45.73
N TYR A 165 11.81 -9.06 44.49
CA TYR A 165 11.14 -9.72 43.37
C TYR A 165 12.17 -10.19 42.35
N THR A 166 12.11 -11.47 42.00
CA THR A 166 12.91 -12.05 40.95
C THR A 166 12.08 -12.19 39.68
N ASN A 167 12.73 -12.07 38.53
CA ASN A 167 12.05 -12.18 37.25
C ASN A 167 11.99 -13.65 36.82
N ASN A 168 10.78 -14.13 36.55
CA ASN A 168 10.58 -15.48 36.08
C ASN A 168 9.74 -15.57 34.81
N LYS A 169 9.12 -14.46 34.39
CA LYS A 169 8.20 -14.48 33.26
C LYS A 169 8.90 -14.53 31.90
N GLY A 170 10.22 -14.34 31.85
CA GLY A 170 10.97 -14.51 30.61
C GLY A 170 10.78 -13.42 29.59
N LYS A 171 10.51 -12.18 30.04
CA LYS A 171 10.50 -11.02 29.18
C LYS A 171 10.93 -9.84 30.05
N ARG A 172 10.96 -8.62 29.48
CA ARG A 172 11.43 -7.48 30.27
C ARG A 172 10.23 -6.95 31.05
N VAL A 173 10.43 -6.73 32.34
CA VAL A 173 9.35 -6.32 33.23
C VAL A 173 9.53 -4.84 33.59
N LEU A 174 8.63 -4.00 33.11
CA LEU A 174 8.50 -2.64 33.60
C LEU A 174 7.98 -2.64 35.04
N VAL A 175 8.75 -2.03 35.93
CA VAL A 175 8.47 -1.94 37.37
C VAL A 175 8.25 -0.48 37.72
N ILE A 176 7.22 -0.23 38.54
CA ILE A 176 6.78 1.12 38.89
C ILE A 176 6.75 1.22 40.40
N TRP A 177 7.20 2.35 40.95
CA TRP A 177 7.05 2.58 42.37
C TRP A 177 6.96 4.08 42.60
N GLY A 178 7.03 4.47 43.87
CA GLY A 178 7.02 5.88 44.23
C GLY A 178 7.62 6.08 45.60
N VAL A 179 8.02 7.32 45.87
CA VAL A 179 8.54 7.73 47.16
C VAL A 179 7.68 8.88 47.66
N HIS A 180 7.12 8.70 48.86
CA HIS A 180 6.19 9.73 49.40
C HIS A 180 6.92 10.80 50.20
N HIS A 181 6.87 12.02 49.70
CA HIS A 181 7.46 13.12 50.47
C HIS A 181 6.32 13.86 51.15
N PRO A 182 6.08 13.59 52.44
CA PRO A 182 4.97 14.22 53.16
C PRO A 182 5.17 15.72 53.26
N TYR A 185 7.13 17.46 58.87
CA TYR A 185 7.15 16.61 60.05
C TYR A 185 5.79 16.61 60.75
N ARG A 186 4.99 17.65 60.52
CA ARG A 186 3.59 17.65 60.93
C ARG A 186 2.87 16.41 60.46
N ASP A 187 3.23 15.89 59.28
CA ASP A 187 2.62 14.68 58.74
C ASP A 187 3.60 13.54 58.50
N GLN A 188 4.91 13.79 58.59
CA GLN A 188 5.86 12.69 58.65
C GLN A 188 5.85 12.03 60.03
N GLN A 189 5.94 12.85 61.08
CA GLN A 189 5.87 12.33 62.45
C GLN A 189 4.53 11.71 62.75
N ALA A 190 3.49 12.09 62.03
CA ALA A 190 2.14 11.55 62.23
C ALA A 190 1.88 10.34 61.35
N LEU A 191 2.15 10.46 60.05
CA LEU A 191 1.79 9.40 59.12
C LEU A 191 2.73 8.20 59.24
N TYR A 192 4.05 8.42 59.27
CA TYR A 192 5.00 7.30 59.36
C TYR A 192 5.92 7.38 60.56
N ARG A 193 5.79 8.40 61.41
CA ARG A 193 6.28 8.38 62.80
C ARG A 193 7.79 8.51 62.95
N ASN A 194 8.57 8.44 61.86
CA ASN A 194 10.02 8.43 61.96
C ASN A 194 10.61 9.80 61.67
N ASN A 195 11.53 10.25 62.55
CA ASN A 195 12.37 11.41 62.27
C ASN A 195 13.48 11.10 61.27
N HIS A 196 13.53 9.88 60.74
CA HIS A 196 14.55 9.52 59.75
C HIS A 196 14.03 8.32 58.97
N THR A 197 13.79 8.50 57.68
CA THR A 197 13.35 7.44 56.79
C THR A 197 14.26 7.42 55.56
N TYR A 198 14.16 6.33 54.80
CA TYR A 198 14.86 6.22 53.53
C TYR A 198 14.21 5.10 52.73
N VAL A 199 14.22 5.25 51.42
CA VAL A 199 13.84 4.18 50.51
C VAL A 199 15.10 3.73 49.78
N SER A 200 15.11 2.50 49.31
CA SER A 200 16.32 1.95 48.68
C SER A 200 15.91 0.94 47.61
N VAL A 201 16.11 1.32 46.35
CA VAL A 201 15.83 0.44 45.22
C VAL A 201 17.16 -0.01 44.62
N GLU A 202 17.40 -1.32 44.70
CA GLU A 202 18.64 -1.93 44.28
C GLU A 202 18.36 -2.99 43.23
N SER A 203 19.26 -3.10 42.26
CA SER A 203 19.18 -4.07 41.18
C SER A 203 20.55 -4.18 40.56
N SER A 204 20.69 -5.09 39.59
CA SER A 204 21.91 -5.11 38.81
C SER A 204 21.99 -3.98 37.81
N LYS A 205 20.87 -3.29 37.56
CA LYS A 205 20.85 -2.23 36.55
C LYS A 205 20.29 -0.93 37.11
N TYR A 206 19.38 -0.99 38.08
CA TYR A 206 18.94 0.21 38.77
C TYR A 206 19.56 0.23 40.17
N TYR A 207 20.01 1.42 40.58
CA TYR A 207 21.04 1.52 41.60
C TYR A 207 20.86 2.86 42.33
N GLN A 208 20.05 2.87 43.39
CA GLN A 208 19.86 4.15 44.08
C GLN A 208 19.03 3.96 45.35
N ARG A 209 19.08 4.99 46.21
CA ARG A 209 18.24 5.19 47.37
C ARG A 209 17.52 6.52 47.22
N PHE A 210 16.69 6.87 48.21
CA PHE A 210 16.12 8.21 48.29
C PHE A 210 15.88 8.55 49.75
N THR A 211 16.52 9.63 50.21
CA THR A 211 16.22 10.21 51.51
C THR A 211 15.04 11.15 51.34
N PRO A 212 13.88 10.81 51.88
CA PRO A 212 12.66 11.57 51.56
C PRO A 212 12.73 13.01 52.05
N GLU A 213 11.90 13.83 51.42
CA GLU A 213 11.91 15.28 51.54
C GLU A 213 10.71 15.78 52.35
N ILE A 214 10.90 16.93 52.98
CA ILE A 214 9.89 17.57 53.80
C ILE A 214 9.54 18.93 53.18
N VAL A 215 8.28 19.16 52.88
CA VAL A 215 8.06 20.54 52.37
C VAL A 215 6.58 20.88 52.34
N ALA A 216 6.29 22.18 52.29
CA ALA A 216 4.89 22.67 52.23
C ALA A 216 4.62 22.99 50.78
N ARG A 217 4.79 22.02 49.89
CA ARG A 217 4.59 22.24 48.44
C ARG A 217 3.19 22.79 48.22
N PRO A 218 3.03 23.86 47.42
CA PRO A 218 1.73 24.46 47.09
C PRO A 218 0.73 23.37 46.71
N LYS A 219 -0.48 23.42 47.26
CA LYS A 219 -1.36 22.28 47.05
C LYS A 219 -1.80 22.14 45.59
N VAL A 220 -1.98 20.89 45.19
CA VAL A 220 -2.65 20.52 43.94
C VAL A 220 -3.67 19.45 44.28
N ARG A 221 -4.94 19.69 43.90
CA ARG A 221 -6.04 18.83 44.30
C ARG A 221 -6.14 18.72 45.82
N GLU A 222 -5.89 19.84 46.50
CA GLU A 222 -5.95 19.91 47.97
C GLU A 222 -4.94 18.96 48.61
N GLN A 223 -3.76 18.89 48.02
CA GLN A 223 -2.69 18.05 48.58
C GLN A 223 -1.48 18.95 48.77
N ALA A 224 -0.83 18.86 49.91
CA ALA A 224 0.37 19.66 50.17
C ALA A 224 1.65 18.85 50.08
N GLY A 225 1.65 17.62 50.55
CA GLY A 225 2.83 16.74 50.37
C GLY A 225 2.66 15.94 49.10
N ARG A 226 3.74 15.40 48.52
CA ARG A 226 3.50 14.68 47.24
C ARG A 226 4.35 13.43 47.09
N ILE A 227 4.02 12.61 46.10
CA ILE A 227 4.71 11.32 45.82
C ILE A 227 5.44 11.39 44.48
N ASN A 228 6.75 11.16 44.46
CA ASN A 228 7.50 11.10 43.21
C ASN A 228 7.41 9.69 42.63
N TYR A 229 6.97 9.57 41.37
CA TYR A 229 6.67 8.26 40.70
C TYR A 229 7.80 7.82 39.80
N TYR A 230 8.47 6.71 40.13
CA TYR A 230 9.67 6.20 39.50
C TYR A 230 9.38 4.89 38.78
N TRP A 231 10.29 4.50 37.90
CA TRP A 231 10.11 3.32 37.07
C TRP A 231 11.47 2.80 36.65
N THR A 232 11.50 1.52 36.24
CA THR A 232 12.70 0.94 35.65
C THR A 232 12.31 -0.33 34.91
N LEU A 233 13.29 -0.90 34.22
CA LEU A 233 13.11 -2.12 33.43
C LEU A 233 13.99 -3.22 34.01
N LEU A 234 13.39 -4.39 34.24
CA LEU A 234 14.10 -5.54 34.77
C LEU A 234 14.20 -6.63 33.71
N ASP A 235 15.36 -7.25 33.60
CA ASP A 235 15.61 -8.25 32.58
C ASP A 235 15.29 -9.65 33.11
N GLN A 236 15.46 -10.66 32.26
CA GLN A 236 15.13 -12.03 32.63
C GLN A 236 16.06 -12.53 33.74
N GLY A 237 15.46 -13.17 34.74
CA GLY A 237 16.25 -13.82 35.77
C GLY A 237 16.76 -12.87 36.83
N ASP A 238 17.05 -11.63 36.43
CA ASP A 238 17.60 -10.65 37.36
C ASP A 238 16.55 -10.29 38.41
N THR A 239 17.02 -9.69 39.50
CA THR A 239 16.20 -9.47 40.68
C THR A 239 16.21 -7.98 41.06
N ILE A 240 15.02 -7.45 41.33
CA ILE A 240 14.87 -6.12 41.90
C ILE A 240 14.62 -6.28 43.39
N THR A 241 15.12 -5.32 44.17
CA THR A 241 15.06 -5.42 45.63
C THR A 241 14.64 -4.08 46.21
N PHE A 242 13.61 -4.10 47.05
CA PHE A 242 13.11 -2.92 47.74
C PHE A 242 13.37 -3.07 49.23
N GLU A 243 13.55 -1.92 49.90
CA GLU A 243 13.60 -1.86 51.35
C GLU A 243 13.51 -0.40 51.77
N ALA A 244 12.85 -0.14 52.89
CA ALA A 244 12.64 1.23 53.34
C ALA A 244 12.22 1.25 54.80
N THR A 245 12.70 2.25 55.53
CA THR A 245 12.18 2.59 56.85
C THR A 245 11.16 3.71 56.79
N GLY A 246 10.62 3.99 55.61
CA GLY A 246 9.63 5.03 55.49
C GLY A 246 9.47 5.59 54.09
N ASN A 247 8.23 5.90 53.74
CA ASN A 247 7.84 6.64 52.55
C ASN A 247 7.96 5.84 51.26
N LEU A 248 7.90 4.51 51.36
CA LEU A 248 7.77 3.67 50.17
C LEU A 248 6.32 3.64 49.73
N ILE A 249 6.04 4.23 48.57
CA ILE A 249 4.74 4.06 47.92
C ILE A 249 4.88 2.80 47.08
N ALA A 250 4.61 1.66 47.72
CA ALA A 250 4.99 0.37 47.18
C ALA A 250 4.24 0.03 45.90
N PRO A 251 4.85 -0.75 45.01
CA PRO A 251 4.14 -1.24 43.83
C PRO A 251 3.03 -2.20 44.22
N TRP A 252 2.07 -2.37 43.31
CA TRP A 252 1.03 -3.37 43.54
C TRP A 252 0.94 -4.40 42.43
N HIS A 253 0.95 -3.99 41.16
CA HIS A 253 1.26 -4.94 40.09
C HIS A 253 1.76 -4.20 38.86
N ALA A 254 2.72 -4.81 38.18
CA ALA A 254 3.57 -4.18 37.15
C ALA A 254 3.38 -4.88 35.81
N PHE A 255 4.18 -4.49 34.81
CA PHE A 255 3.87 -4.82 33.42
C PHE A 255 5.00 -5.60 32.78
N ALA A 256 4.71 -6.82 32.34
CA ALA A 256 5.72 -7.65 31.66
C ALA A 256 5.55 -7.50 30.15
N LEU A 257 6.51 -6.79 29.54
CA LEU A 257 6.55 -6.49 28.09
C LEU A 257 7.26 -7.61 27.36
N LYS A 258 7.54 -7.38 26.08
CA LYS A 258 8.34 -8.36 25.29
C LYS A 258 8.94 -7.66 24.07
N LYS A 259 9.26 -8.41 23.02
CA LYS A 259 9.86 -7.84 21.78
C LYS A 259 8.99 -8.24 20.57
N GLY A 260 9.49 -7.98 19.36
CA GLY A 260 8.74 -8.31 18.13
C GLY A 260 8.67 -7.12 17.18
N SER A 261 7.44 -6.71 16.83
CA SER A 261 7.24 -5.56 15.90
C SER A 261 7.09 -4.26 16.71
N SER A 262 8.07 -3.36 16.61
CA SER A 262 8.04 -2.07 17.34
C SER A 262 7.03 -1.12 16.68
N SER A 263 6.51 -0.16 17.45
CA SER A 263 5.53 0.79 16.94
C SER A 263 5.85 2.18 17.49
N GLY A 264 4.89 3.09 17.41
CA GLY A 264 5.07 4.44 17.92
C GLY A 264 3.90 4.95 18.73
N MET A 265 3.95 6.23 19.10
CA MET A 265 2.93 6.89 19.89
C MET A 265 2.57 8.20 19.22
N MET A 266 1.34 8.68 19.45
CA MET A 266 0.83 9.77 18.64
C MET A 266 0.00 10.72 19.48
N VAL A 267 -0.33 11.87 18.88
CA VAL A 267 -1.20 12.89 19.47
C VAL A 267 -2.14 13.36 18.36
N SER A 268 -3.42 12.99 18.45
CA SER A 268 -4.39 13.36 17.42
C SER A 268 -5.79 13.27 18.03
N ASP A 269 -6.77 13.80 17.28
CA ASP A 269 -8.12 13.97 17.80
C ASP A 269 -9.18 13.39 16.86
N ALA A 270 -8.84 12.36 16.10
CA ALA A 270 -9.80 11.69 15.25
C ALA A 270 -10.35 10.44 15.95
N GLN A 271 -11.42 9.88 15.39
CA GLN A 271 -12.02 8.67 15.89
C GLN A 271 -11.51 7.47 15.12
N VAL A 272 -11.17 6.41 15.86
CA VAL A 272 -10.72 5.19 15.22
C VAL A 272 -11.89 4.56 14.45
N HIS A 273 -11.59 3.94 13.31
CA HIS A 273 -12.58 3.27 12.48
C HIS A 273 -12.02 1.89 12.13
N ASN A 274 -12.67 1.18 11.23
CA ASN A 274 -12.15 -0.10 10.73
C ASN A 274 -11.62 0.03 9.29
N CYS A 275 -10.32 -0.28 9.16
CA CYS A 275 -9.51 -0.36 7.96
C CYS A 275 -8.16 -0.96 8.31
N THR A 276 -7.23 -0.91 7.35
CA THR A 276 -5.81 -1.16 7.58
C THR A 276 -5.01 -0.03 6.93
N THR A 277 -3.68 -0.08 7.09
CA THR A 277 -2.73 0.79 6.41
C THR A 277 -1.33 0.32 6.76
N LYS A 278 -0.37 0.68 5.91
CA LYS A 278 1.04 0.59 6.28
C LYS A 278 1.58 1.90 6.82
N CYS A 279 0.79 2.97 6.76
CA CYS A 279 1.25 4.28 7.17
C CYS A 279 0.09 5.06 7.79
N GLN A 280 0.39 5.78 8.86
CA GLN A 280 -0.61 6.52 9.63
C GLN A 280 -0.05 7.85 10.13
N THR A 281 -0.84 8.90 9.97
CA THR A 281 -0.48 10.25 10.38
C THR A 281 -1.43 10.73 11.46
N PRO A 282 -1.13 11.84 12.16
CA PRO A 282 -2.13 12.41 13.08
C PRO A 282 -3.39 12.87 12.39
N HIS A 283 -3.39 13.04 11.07
CA HIS A 283 -4.56 13.52 10.35
C HIS A 283 -5.36 12.41 9.69
N GLY A 284 -4.79 11.25 9.48
CA GLY A 284 -5.49 10.16 8.84
C GLY A 284 -4.54 9.27 8.08
N ALA A 285 -5.06 8.12 7.65
CA ALA A 285 -4.25 7.14 6.96
C ALA A 285 -3.94 7.58 5.53
N LEU A 286 -3.21 6.73 4.82
CA LEU A 286 -2.84 6.93 3.43
C LEU A 286 -2.12 5.67 2.95
N LYS A 287 -1.85 5.62 1.65
CA LYS A 287 -1.32 4.43 1.02
C LYS A 287 0.18 4.55 0.84
N SER A 288 0.91 3.50 1.21
CA SER A 288 2.36 3.46 1.01
C SER A 288 2.73 2.83 -0.32
N ASN A 289 2.11 3.32 -1.39
CA ASN A 289 2.43 2.93 -2.76
C ASN A 289 3.18 4.01 -3.54
N LEU A 290 2.74 5.27 -3.43
CA LEU A 290 3.49 6.38 -4.00
C LEU A 290 4.61 6.78 -3.04
N PRO A 291 5.84 6.92 -3.52
CA PRO A 291 6.96 7.05 -2.56
C PRO A 291 7.16 8.48 -2.09
N PHE A 292 6.07 9.21 -1.83
CA PHE A 292 6.20 10.57 -1.31
C PHE A 292 4.90 11.04 -0.67
N GLN A 293 5.03 11.86 0.37
CA GLN A 293 3.90 12.55 0.96
C GLN A 293 4.21 14.02 1.18
N ASN A 294 3.14 14.80 1.35
CA ASN A 294 3.14 16.14 1.90
C ASN A 294 2.00 16.29 2.90
N VAL A 295 1.55 15.18 3.50
CA VAL A 295 0.46 15.26 4.46
C VAL A 295 0.96 15.76 5.81
N HIS A 296 1.89 15.01 6.42
CA HIS A 296 2.30 15.34 7.78
C HIS A 296 3.66 14.72 8.07
N PRO A 297 4.56 15.42 8.78
CA PRO A 297 5.89 14.83 9.04
C PRO A 297 5.86 13.67 10.01
N ILE A 298 5.07 13.74 11.08
CA ILE A 298 5.00 12.65 12.05
C ILE A 298 4.20 11.51 11.42
N THR A 299 4.86 10.39 11.13
CA THR A 299 4.18 9.22 10.60
C THR A 299 4.62 7.99 11.37
N ILE A 300 3.85 6.91 11.21
CA ILE A 300 4.12 5.64 11.87
C ILE A 300 3.92 4.51 10.87
N GLY A 301 4.97 3.72 10.66
CA GLY A 301 4.87 2.52 9.85
C GLY A 301 5.72 2.62 8.60
N GLU A 302 5.48 1.68 7.69
CA GLU A 302 6.12 1.68 6.39
C GLU A 302 5.54 2.82 5.58
N CYS A 303 6.19 3.98 5.62
CA CYS A 303 5.61 5.22 5.15
C CYS A 303 6.39 5.81 3.99
N PRO A 304 5.71 6.58 3.13
CA PRO A 304 6.42 7.38 2.13
C PRO A 304 7.24 8.47 2.82
N LYS A 305 8.17 9.04 2.05
CA LYS A 305 8.95 10.17 2.55
C LYS A 305 8.12 11.44 2.54
N TYR A 306 8.24 12.21 3.62
CA TYR A 306 7.62 13.52 3.68
C TYR A 306 8.48 14.53 2.92
N VAL A 307 7.88 15.23 1.98
CA VAL A 307 8.56 16.29 1.25
C VAL A 307 7.73 17.55 1.32
N LYS A 308 8.40 18.70 1.21
CA LYS A 308 7.75 19.98 1.25
C LYS A 308 7.11 20.34 -0.09
N SER A 309 7.16 19.44 -1.06
CA SER A 309 6.62 19.69 -2.39
C SER A 309 5.10 19.77 -2.36
N THR A 310 4.54 20.35 -3.41
CA THR A 310 3.10 20.46 -3.60
C THR A 310 2.56 19.52 -4.65
N GLN A 311 3.36 19.17 -5.66
CA GLN A 311 2.94 18.25 -6.71
C GLN A 311 4.18 17.63 -7.33
N LEU A 312 4.08 16.36 -7.70
CA LEU A 312 5.20 15.62 -8.28
C LEU A 312 4.79 14.95 -9.59
N ARG A 313 4.15 15.72 -10.47
CA ARG A 313 3.84 15.30 -11.83
C ARG A 313 5.05 14.67 -12.50
N MET A 314 4.96 13.38 -12.84
CA MET A 314 6.00 12.72 -13.62
C MET A 314 5.41 12.29 -14.96
N ALA A 315 6.09 12.64 -16.04
CA ALA A 315 5.54 12.44 -17.37
C ALA A 315 5.74 11.01 -17.84
N THR A 316 4.70 10.44 -18.43
CA THR A 316 4.74 9.13 -19.05
C THR A 316 4.47 9.19 -20.55
N GLY A 317 3.48 9.97 -20.97
CA GLY A 317 3.20 10.15 -22.39
C GLY A 317 4.16 11.10 -23.05
N LEU A 318 3.68 11.80 -24.07
CA LEU A 318 4.52 12.70 -24.84
C LEU A 318 3.85 14.06 -24.99
N ARG A 319 4.43 14.93 -25.81
CA ARG A 319 3.86 16.24 -26.05
C ARG A 319 2.44 16.09 -26.58
N ASN A 320 1.47 16.68 -25.87
CA ASN A 320 0.08 16.64 -26.31
C ASN A 320 -0.10 17.78 -27.31
N ILE A 321 0.00 17.45 -28.59
CA ILE A 321 -0.14 18.45 -29.66
C ILE A 321 -1.31 18.04 -30.55
N PRO A 322 -2.54 18.43 -30.22
CA PRO A 322 -3.67 18.09 -31.11
C PRO A 322 -3.46 18.60 -32.53
N SER A 323 -3.18 19.90 -32.69
CA SER A 323 -2.90 20.46 -34.00
C SER A 323 -2.03 21.71 -33.88
N GLY B 1 13.03 17.82 -32.60
CA GLY B 1 13.15 16.83 -33.66
C GLY B 1 11.83 16.48 -34.34
N ALA B 2 11.25 15.36 -33.94
CA ALA B 2 9.97 14.91 -34.50
C ALA B 2 8.79 15.50 -33.73
N ILE B 3 8.72 15.27 -32.42
CA ILE B 3 7.68 15.85 -31.60
C ILE B 3 7.88 17.36 -31.51
N ALA B 4 6.83 18.12 -31.83
CA ALA B 4 6.90 19.58 -31.92
C ALA B 4 7.94 20.01 -32.95
N GLY B 5 7.98 19.31 -34.07
CA GLY B 5 8.94 19.58 -35.12
C GLY B 5 8.31 19.54 -36.51
N PHE B 6 8.88 18.72 -37.40
CA PHE B 6 8.33 18.60 -38.75
C PHE B 6 7.07 17.74 -38.79
N ILE B 7 6.94 16.77 -37.88
CA ILE B 7 5.67 16.10 -37.71
C ILE B 7 4.87 16.96 -36.74
N GLU B 8 4.23 17.98 -37.28
CA GLU B 8 3.71 19.13 -36.55
C GLU B 8 2.34 18.86 -35.90
N GLY B 9 1.91 17.60 -35.84
CA GLY B 9 0.69 17.28 -35.12
C GLY B 9 0.53 15.81 -34.78
N GLY B 10 -0.06 15.53 -33.62
CA GLY B 10 -0.43 14.19 -33.25
C GLY B 10 -1.77 13.79 -33.87
N TRP B 11 -2.17 12.56 -33.59
CA TRP B 11 -3.33 11.93 -34.23
C TRP B 11 -4.34 11.54 -33.16
N THR B 12 -5.33 12.41 -32.93
CA THR B 12 -6.34 12.14 -31.90
C THR B 12 -7.10 10.86 -32.19
N GLY B 13 -7.45 10.61 -33.45
CA GLY B 13 -8.15 9.40 -33.83
C GLY B 13 -7.36 8.12 -33.64
N MET B 14 -6.10 8.23 -33.24
CA MET B 14 -5.25 7.07 -32.97
C MET B 14 -5.22 6.84 -31.47
N ILE B 15 -5.96 5.84 -31.01
CA ILE B 15 -6.13 5.59 -29.58
C ILE B 15 -5.80 4.15 -29.24
N ASP B 16 -4.95 3.51 -30.05
CA ASP B 16 -4.50 2.15 -29.77
C ASP B 16 -2.97 2.06 -29.67
N GLY B 17 -2.30 3.19 -29.45
CA GLY B 17 -0.85 3.19 -29.39
C GLY B 17 -0.26 4.58 -29.31
N TRP B 18 1.02 4.67 -28.91
CA TRP B 18 1.71 5.95 -28.90
C TRP B 18 2.27 6.30 -30.26
N TYR B 19 2.89 5.34 -30.95
CA TYR B 19 3.58 5.59 -32.19
C TYR B 19 2.95 4.74 -33.29
N GLY B 20 2.80 5.29 -34.49
CA GLY B 20 2.21 4.50 -35.55
C GLY B 20 2.06 5.15 -36.90
N TYR B 21 1.11 4.66 -37.69
CA TYR B 21 1.05 4.92 -39.12
C TYR B 21 -0.32 5.45 -39.53
N HIS B 22 -0.30 6.17 -40.66
CA HIS B 22 -1.47 6.46 -41.48
C HIS B 22 -1.19 5.91 -42.88
N HIS B 23 -2.11 5.14 -43.43
CA HIS B 23 -1.96 4.64 -44.78
C HIS B 23 -3.01 5.26 -45.67
N GLN B 24 -2.65 5.46 -46.94
CA GLN B 24 -3.55 6.05 -47.93
C GLN B 24 -3.43 5.30 -49.26
N ASN B 25 -3.43 3.97 -49.22
CA ASN B 25 -3.59 3.24 -50.45
C ASN B 25 -4.98 3.52 -51.01
N GLU B 26 -5.09 3.51 -52.32
CA GLU B 26 -6.40 3.82 -52.91
C GLU B 26 -7.23 2.53 -52.87
N HIS B 27 -7.34 1.99 -51.66
CA HIS B 27 -8.14 0.83 -51.32
C HIS B 27 -8.85 1.05 -49.98
N GLY B 28 -8.52 2.12 -49.27
CA GLY B 28 -8.99 2.40 -47.92
C GLY B 28 -8.04 3.37 -47.24
N SER B 29 -8.43 3.79 -46.04
CA SER B 29 -7.58 4.70 -45.27
C SER B 29 -7.88 4.55 -43.79
N GLY B 30 -6.98 5.08 -42.97
CA GLY B 30 -7.19 5.07 -41.52
C GLY B 30 -5.87 5.20 -40.78
N TYR B 31 -5.93 4.87 -39.49
CA TYR B 31 -4.80 4.90 -38.57
C TYR B 31 -4.48 3.47 -38.14
N ALA B 32 -3.21 3.25 -37.76
CA ALA B 32 -2.82 1.91 -37.28
C ALA B 32 -1.56 2.04 -36.43
N ALA B 33 -1.67 1.68 -35.15
CA ALA B 33 -0.53 1.75 -34.25
C ALA B 33 0.51 0.69 -34.59
N ASP B 34 1.77 1.09 -34.57
CA ASP B 34 2.87 0.14 -34.67
C ASP B 34 3.08 -0.48 -33.30
N GLN B 35 2.72 -1.76 -33.16
CA GLN B 35 2.64 -2.36 -31.82
C GLN B 35 4.01 -2.64 -31.22
N LYS B 36 5.01 -2.96 -32.04
CA LYS B 36 6.32 -3.30 -31.52
C LYS B 36 6.90 -2.13 -30.72
N SER B 37 7.05 -0.97 -31.37
CA SER B 37 7.63 0.20 -30.71
C SER B 37 6.80 0.65 -29.52
N THR B 38 5.48 0.50 -29.60
CA THR B 38 4.63 0.92 -28.48
C THR B 38 4.83 0.00 -27.28
N GLN B 39 4.89 -1.32 -27.52
CA GLN B 39 5.18 -2.26 -26.43
C GLN B 39 6.53 -1.94 -25.79
N ILE B 40 7.55 -1.69 -26.62
CA ILE B 40 8.87 -1.36 -26.08
C ILE B 40 8.80 -0.09 -25.24
N ALA B 41 8.14 0.95 -25.77
CA ALA B 41 8.07 2.21 -25.05
C ALA B 41 7.36 2.07 -23.72
N ILE B 42 6.24 1.35 -23.70
CA ILE B 42 5.50 1.15 -22.46
C ILE B 42 6.34 0.37 -21.45
N ASP B 43 7.06 -0.66 -21.92
CA ASP B 43 8.01 -1.35 -21.04
C ASP B 43 9.00 -0.37 -20.45
N GLY B 44 9.58 0.51 -21.28
CA GLY B 44 10.55 1.46 -20.77
C GLY B 44 9.98 2.39 -19.72
N ILE B 45 8.85 3.05 -20.05
CA ILE B 45 8.27 4.02 -19.12
C ILE B 45 7.86 3.34 -17.82
N ARG B 46 7.34 2.12 -17.91
CA ARG B 46 6.94 1.40 -16.71
C ARG B 46 8.14 1.05 -15.85
N ASN B 47 9.19 0.49 -16.45
CA ASN B 47 10.40 0.22 -15.68
C ASN B 47 10.94 1.51 -15.06
N LYS B 48 10.71 2.64 -15.72
CA LYS B 48 11.22 3.91 -15.24
C LYS B 48 10.48 4.33 -13.98
N VAL B 49 9.16 4.52 -14.07
CA VAL B 49 8.38 4.95 -12.91
C VAL B 49 8.50 3.93 -11.80
N ASN B 50 8.37 2.64 -12.14
CA ASN B 50 8.47 1.58 -11.15
C ASN B 50 9.82 1.63 -10.44
N SER B 51 10.90 1.89 -11.18
CA SER B 51 12.21 2.00 -10.55
C SER B 51 12.29 3.22 -9.64
N VAL B 52 11.65 4.32 -10.04
CA VAL B 52 11.62 5.50 -9.18
C VAL B 52 10.90 5.19 -7.88
N ILE B 53 9.90 4.32 -7.92
CA ILE B 53 9.15 3.99 -6.71
C ILE B 53 9.91 2.98 -5.85
N GLU B 54 10.40 1.90 -6.48
CA GLU B 54 10.86 0.74 -5.73
C GLU B 54 12.19 1.02 -5.03
N LYS B 55 13.11 1.71 -5.69
CA LYS B 55 14.40 2.01 -5.07
C LYS B 55 14.27 2.86 -3.83
N MET B 56 13.07 3.35 -3.52
CA MET B 56 12.83 4.04 -2.25
C MET B 56 12.65 2.99 -1.15
N ASN B 57 13.76 2.58 -0.56
CA ASN B 57 13.76 1.54 0.47
C ASN B 57 13.22 2.13 1.76
N ILE B 58 12.07 1.64 2.20
CA ILE B 58 11.42 2.15 3.40
C ILE B 58 11.44 1.07 4.48
N GLN B 59 11.23 1.49 5.72
CA GLN B 59 11.16 0.59 6.87
C GLN B 59 10.10 1.13 7.83
N PHE B 60 10.08 0.58 9.03
CA PHE B 60 9.13 1.00 10.07
C PHE B 60 9.79 2.07 10.92
N THR B 61 9.18 3.25 11.01
CA THR B 61 9.79 4.33 11.77
C THR B 61 8.73 5.33 12.21
N SER B 62 8.82 5.74 13.47
CA SER B 62 8.06 6.87 13.99
C SER B 62 8.98 8.08 14.11
N VAL B 63 8.44 9.26 13.82
CA VAL B 63 9.24 10.48 13.84
C VAL B 63 9.15 11.22 15.18
N GLY B 64 8.14 10.92 16.00
CA GLY B 64 7.89 11.72 17.18
C GLY B 64 9.01 11.59 18.20
N LYS B 65 9.30 12.70 18.87
CA LYS B 65 10.25 12.74 19.98
C LYS B 65 9.81 13.80 20.97
N GLU B 66 9.71 13.42 22.23
CA GLU B 66 9.44 14.34 23.31
C GLU B 66 10.73 14.75 24.00
N PHE B 67 11.00 16.05 24.00
CA PHE B 67 12.08 16.64 24.76
C PHE B 67 11.47 17.63 25.73
N ASN B 68 11.92 17.59 26.98
CA ASN B 68 11.31 18.40 28.03
C ASN B 68 11.81 19.84 27.95
N SER B 69 11.52 20.62 28.98
CA SER B 69 11.86 22.05 28.98
C SER B 69 13.35 22.31 29.07
N LEU B 70 14.14 21.33 29.54
CA LEU B 70 15.58 21.53 29.70
C LEU B 70 16.39 20.76 28.66
N GLU B 71 15.79 20.41 27.54
CA GLU B 71 16.47 19.71 26.45
C GLU B 71 16.22 20.41 25.13
N LYS B 72 16.26 21.74 25.14
CA LYS B 72 15.99 22.51 23.93
C LYS B 72 17.08 22.32 22.88
N ARG B 73 18.34 22.17 23.32
CA ARG B 73 19.42 21.95 22.37
C ARG B 73 19.18 20.68 21.57
N MET B 74 18.88 19.57 22.25
CA MET B 74 18.64 18.32 21.55
C MET B 74 17.32 18.31 20.80
N GLU B 75 16.35 19.12 21.24
CA GLU B 75 15.14 19.30 20.45
C GLU B 75 15.47 19.96 19.11
N ASN B 76 16.21 21.08 19.15
CA ASN B 76 16.60 21.75 17.91
C ASN B 76 17.52 20.87 17.07
N LEU B 77 18.31 20.02 17.71
CA LEU B 77 19.13 19.08 16.94
C LEU B 77 18.25 18.08 16.19
N ASN B 78 17.30 17.47 16.90
CA ASN B 78 16.38 16.55 16.25
C ASN B 78 15.62 17.24 15.11
N LYS B 79 15.25 18.50 15.30
CA LYS B 79 14.75 19.25 14.15
C LYS B 79 15.77 19.29 13.04
N LYS B 80 16.98 19.77 13.32
CA LYS B 80 18.05 19.85 12.33
C LYS B 80 18.14 18.58 11.49
N VAL B 81 17.96 17.43 12.12
CA VAL B 81 17.92 16.17 11.39
C VAL B 81 16.67 16.10 10.50
N ASP B 82 15.49 16.22 11.11
CA ASP B 82 14.25 16.04 10.37
C ASP B 82 14.13 17.03 9.22
N ASP B 83 14.31 18.31 9.51
CA ASP B 83 14.34 19.35 8.47
C ASP B 83 15.45 19.09 7.46
N GLY B 84 16.60 18.58 7.92
CA GLY B 84 17.65 18.25 6.98
C GLY B 84 17.19 17.28 5.91
N PHE B 85 16.64 16.14 6.33
CA PHE B 85 16.21 15.15 5.35
C PHE B 85 14.97 15.60 4.58
N LEU B 86 14.14 16.45 5.20
CA LEU B 86 13.08 17.14 4.48
C LEU B 86 13.65 17.86 3.26
N ASP B 87 14.62 18.75 3.50
CA ASP B 87 15.23 19.49 2.40
C ASP B 87 15.85 18.55 1.37
N VAL B 88 16.54 17.51 1.84
CA VAL B 88 17.27 16.64 0.91
C VAL B 88 16.31 15.88 0.00
N TRP B 89 15.30 15.22 0.57
CA TRP B 89 14.39 14.45 -0.28
C TRP B 89 13.51 15.36 -1.14
N THR B 90 13.14 16.53 -0.62
CA THR B 90 12.47 17.52 -1.47
C THR B 90 13.30 17.84 -2.69
N TYR B 91 14.59 18.14 -2.47
CA TYR B 91 15.47 18.54 -3.57
C TYR B 91 15.64 17.41 -4.58
N ASN B 92 15.96 16.21 -4.09
CA ASN B 92 16.19 15.08 -5.01
C ASN B 92 14.93 14.74 -5.77
N ALA B 93 13.77 14.82 -5.12
CA ALA B 93 12.51 14.54 -5.81
C ALA B 93 12.26 15.56 -6.92
N GLU B 94 12.31 16.86 -6.58
CA GLU B 94 12.10 17.90 -7.57
C GLU B 94 13.01 17.72 -8.78
N LEU B 95 14.33 17.66 -8.55
CA LEU B 95 15.23 17.58 -9.69
C LEU B 95 15.08 16.27 -10.46
N LEU B 96 14.99 15.14 -9.73
CA LEU B 96 14.80 13.87 -10.41
C LEU B 96 13.62 13.94 -11.38
N ILE B 97 12.51 14.50 -10.92
CA ILE B 97 11.30 14.54 -11.74
C ILE B 97 11.46 15.50 -12.92
N LEU B 98 12.09 16.66 -12.71
CA LEU B 98 12.38 17.54 -13.84
C LEU B 98 13.21 16.81 -14.90
N LEU B 99 14.37 16.29 -14.49
CA LEU B 99 15.30 15.62 -15.39
C LEU B 99 14.60 14.52 -16.17
N GLU B 100 13.96 13.58 -15.46
CA GLU B 100 13.39 12.45 -16.16
C GLU B 100 12.12 12.81 -16.93
N ASN B 101 11.46 13.92 -16.62
CA ASN B 101 10.40 14.38 -17.49
C ASN B 101 10.96 14.79 -18.85
N GLU B 102 11.97 15.67 -18.87
CA GLU B 102 12.59 16.00 -20.15
C GLU B 102 13.07 14.74 -20.86
N ARG B 103 13.71 13.84 -20.10
CA ARG B 103 14.30 12.65 -20.70
C ARG B 103 13.23 11.76 -21.31
N THR B 104 12.04 11.74 -20.71
CA THR B 104 10.92 10.97 -21.26
C THR B 104 10.41 11.59 -22.55
N LEU B 105 10.21 12.91 -22.55
CA LEU B 105 9.71 13.56 -23.76
C LEU B 105 10.66 13.33 -24.93
N ASP B 106 11.97 13.45 -24.69
CA ASP B 106 12.94 13.11 -25.73
C ASP B 106 12.93 11.62 -26.05
N TYR B 107 12.54 10.78 -25.10
CA TYR B 107 12.42 9.35 -25.39
C TYR B 107 11.36 9.10 -26.45
N HIS B 108 10.16 9.66 -26.25
CA HIS B 108 9.11 9.55 -27.26
C HIS B 108 9.56 10.16 -28.59
N ASP B 109 10.07 11.40 -28.54
CA ASP B 109 10.53 12.08 -29.74
C ASP B 109 11.49 11.21 -30.55
N PHE B 110 12.51 10.68 -29.89
CA PHE B 110 13.53 9.88 -30.58
C PHE B 110 12.95 8.56 -31.07
N ASN B 111 11.96 8.00 -30.36
CA ASN B 111 11.28 6.80 -30.85
C ASN B 111 10.55 7.07 -32.16
N VAL B 112 9.77 8.15 -32.19
CA VAL B 112 9.06 8.53 -33.42
C VAL B 112 10.04 8.73 -34.56
N LYS B 113 11.12 9.47 -34.29
CA LYS B 113 12.14 9.68 -35.30
C LYS B 113 12.70 8.35 -35.82
N ASN B 114 12.94 7.40 -34.91
CA ASN B 114 13.47 6.11 -35.34
C ASN B 114 12.46 5.31 -36.14
N LEU B 115 11.16 5.56 -35.94
CA LEU B 115 10.17 4.91 -36.77
C LEU B 115 10.15 5.51 -38.18
N TYR B 116 10.15 6.84 -38.26
CA TYR B 116 10.23 7.51 -39.56
C TYR B 116 11.45 7.04 -40.33
N GLU B 117 12.64 7.14 -39.72
CA GLU B 117 13.86 6.68 -40.38
C GLU B 117 13.82 5.18 -40.64
N LYS B 118 13.10 4.43 -39.81
CA LYS B 118 12.95 3.00 -40.02
C LYS B 118 12.22 2.71 -41.33
N VAL B 119 11.20 3.50 -41.65
CA VAL B 119 10.46 3.29 -42.89
C VAL B 119 11.23 3.89 -44.07
N LYS B 120 11.89 5.04 -43.85
CA LYS B 120 12.79 5.59 -44.85
C LYS B 120 13.82 4.55 -45.29
N SER B 121 14.29 3.74 -44.36
CA SER B 121 15.27 2.69 -44.66
C SER B 121 14.73 1.69 -45.67
N GLN B 122 13.44 1.65 -45.90
CA GLN B 122 12.81 0.67 -46.77
C GLN B 122 12.22 1.28 -48.03
N LEU B 123 11.81 2.54 -48.02
CA LEU B 123 11.09 3.14 -49.14
C LEU B 123 11.94 4.12 -49.94
N ARG B 124 13.21 3.79 -50.18
CA ARG B 124 14.17 4.78 -50.68
C ARG B 124 13.74 5.39 -52.01
N ASN B 125 13.56 4.57 -53.06
CA ASN B 125 13.19 5.10 -54.37
C ASN B 125 11.70 5.03 -54.66
N ASN B 126 10.92 4.30 -53.87
CA ASN B 126 9.49 4.18 -54.11
C ASN B 126 8.69 5.21 -53.30
N ALA B 127 9.26 6.37 -53.00
CA ALA B 127 8.56 7.34 -52.16
C ALA B 127 9.21 8.71 -52.26
N LYS B 128 8.40 9.73 -52.54
CA LYS B 128 8.72 11.10 -52.19
C LYS B 128 8.55 11.30 -50.68
N GLU B 129 9.36 12.18 -50.12
CA GLU B 129 9.22 12.58 -48.73
C GLU B 129 8.48 13.91 -48.66
N ILE B 130 7.49 13.98 -47.77
CA ILE B 130 6.71 15.18 -47.53
C ILE B 130 7.02 15.66 -46.12
N GLY B 131 7.45 16.92 -46.02
CA GLY B 131 7.99 17.53 -44.81
C GLY B 131 7.08 17.48 -43.60
N ASN B 132 5.81 17.13 -43.79
CA ASN B 132 4.96 16.76 -42.67
C ASN B 132 5.17 15.32 -42.24
N GLY B 133 6.32 14.76 -42.61
CA GLY B 133 6.66 13.41 -42.24
C GLY B 133 5.69 12.41 -42.83
N CYS B 134 5.62 12.37 -44.16
CA CYS B 134 4.68 11.44 -44.79
C CYS B 134 5.20 11.07 -46.17
N PHE B 135 5.03 9.81 -46.55
CA PHE B 135 5.63 9.26 -47.76
C PHE B 135 4.61 9.15 -48.88
N GLU B 136 5.01 9.52 -50.10
CA GLU B 136 4.24 9.23 -51.30
C GLU B 136 4.89 8.09 -52.06
N PHE B 137 4.07 7.14 -52.51
CA PHE B 137 4.55 6.00 -53.28
C PHE B 137 4.63 6.35 -54.75
N TYR B 138 5.84 6.28 -55.32
CA TYR B 138 6.08 6.37 -56.76
C TYR B 138 5.69 5.13 -57.51
N HIS B 139 5.03 4.17 -56.86
CA HIS B 139 4.43 3.06 -57.56
C HIS B 139 3.02 2.85 -57.00
N LYS B 140 2.32 1.89 -57.57
CA LYS B 140 0.96 1.56 -57.14
C LYS B 140 1.04 0.60 -55.96
N CYS B 141 0.37 0.95 -54.87
CA CYS B 141 0.50 0.25 -53.59
C CYS B 141 -0.87 -0.26 -53.15
N ASP B 142 -0.96 -1.57 -52.91
CA ASP B 142 -2.22 -2.23 -52.60
C ASP B 142 -2.46 -2.23 -51.10
N ASN B 143 -3.40 -3.06 -50.65
CA ASN B 143 -3.75 -3.17 -49.25
C ASN B 143 -2.84 -4.12 -48.49
N GLU B 144 -1.79 -4.64 -49.13
CA GLU B 144 -0.74 -5.40 -48.47
C GLU B 144 0.63 -4.75 -48.57
N CYS B 145 0.91 -4.06 -49.68
CA CYS B 145 2.04 -3.15 -49.75
C CYS B 145 2.10 -2.19 -48.57
N MET B 146 0.93 -1.74 -48.10
CA MET B 146 0.89 -0.95 -46.87
C MET B 146 1.22 -1.78 -45.63
N GLU B 147 1.10 -3.10 -45.72
CA GLU B 147 1.39 -3.98 -44.58
C GLU B 147 2.84 -4.44 -44.55
N SER B 148 3.41 -4.77 -45.71
CA SER B 148 4.81 -5.21 -45.76
C SER B 148 5.72 -4.17 -45.14
N VAL B 149 5.39 -2.89 -45.29
CA VAL B 149 6.23 -1.84 -44.72
C VAL B 149 6.03 -1.75 -43.21
N LYS B 150 4.83 -2.07 -42.72
CA LYS B 150 4.56 -1.98 -41.29
C LYS B 150 5.34 -3.06 -40.53
N ASN B 151 5.43 -4.26 -41.09
CA ASN B 151 6.15 -5.37 -40.47
C ASN B 151 7.59 -5.47 -40.95
N GLY B 152 8.13 -4.39 -41.50
CA GLY B 152 9.54 -4.35 -41.86
C GLY B 152 9.95 -5.31 -42.96
N THR B 153 9.12 -5.44 -44.00
CA THR B 153 9.36 -6.45 -45.02
C THR B 153 9.14 -5.91 -46.43
N TYR B 154 9.40 -4.62 -46.65
CA TYR B 154 9.13 -4.03 -47.96
C TYR B 154 10.07 -4.58 -49.01
N ASN B 155 9.55 -4.75 -50.23
CA ASN B 155 10.24 -5.42 -51.32
C ASN B 155 11.13 -4.42 -52.09
N TYR B 156 11.57 -4.81 -53.29
CA TYR B 156 12.58 -4.12 -54.10
C TYR B 156 12.40 -2.61 -54.07
N PRO B 157 13.49 -1.84 -53.84
CA PRO B 157 13.47 -0.38 -53.70
C PRO B 157 13.38 0.36 -55.03
N GLN C 1 -21.86 -0.01 -11.42
CA GLN C 1 -21.95 0.87 -12.58
C GLN C 1 -21.45 0.19 -13.85
N VAL C 2 -20.14 0.15 -14.02
CA VAL C 2 -19.53 -0.40 -15.23
C VAL C 2 -19.57 -1.91 -15.17
N GLN C 3 -20.02 -2.53 -16.26
CA GLN C 3 -20.00 -3.98 -16.39
C GLN C 3 -20.30 -4.34 -17.84
N LEU C 4 -20.21 -5.63 -18.13
CA LEU C 4 -20.48 -6.20 -19.44
C LEU C 4 -21.47 -7.35 -19.28
N VAL C 5 -22.49 -7.37 -20.13
CA VAL C 5 -23.54 -8.39 -20.09
C VAL C 5 -23.32 -9.34 -21.25
N GLU C 6 -23.58 -10.63 -21.01
CA GLU C 6 -23.37 -11.66 -22.02
C GLU C 6 -24.69 -12.39 -22.29
N SER C 7 -24.78 -12.95 -23.50
CA SER C 7 -25.98 -13.68 -23.91
C SER C 7 -25.64 -14.52 -25.13
N GLY C 8 -26.54 -15.43 -25.47
CA GLY C 8 -26.39 -16.27 -26.64
C GLY C 8 -25.99 -17.71 -26.34
N GLY C 9 -25.60 -18.02 -25.10
CA GLY C 9 -25.21 -19.37 -24.75
C GLY C 9 -26.43 -20.28 -24.67
N GLY C 10 -26.47 -21.31 -25.51
CA GLY C 10 -27.55 -22.26 -25.51
C GLY C 10 -27.07 -23.63 -25.96
N VAL C 11 -27.97 -24.60 -25.90
CA VAL C 11 -27.66 -25.96 -26.34
C VAL C 11 -27.76 -26.02 -27.86
N VAL C 12 -26.70 -26.50 -28.50
CA VAL C 12 -26.61 -26.56 -29.95
C VAL C 12 -25.94 -27.85 -30.36
N GLN C 13 -26.29 -28.35 -31.57
CA GLN C 13 -25.77 -29.55 -32.21
C GLN C 13 -24.53 -29.21 -33.04
N PRO C 14 -23.59 -30.14 -33.17
CA PRO C 14 -22.36 -29.86 -33.93
C PRO C 14 -22.66 -29.58 -35.40
N GLY C 15 -21.82 -28.72 -35.99
CA GLY C 15 -21.92 -28.37 -37.39
C GLY C 15 -22.70 -27.12 -37.70
N ARG C 16 -23.52 -26.65 -36.77
CA ARG C 16 -24.40 -25.51 -37.00
C ARG C 16 -23.76 -24.23 -36.45
N SER C 17 -24.56 -23.16 -36.38
CA SER C 17 -24.07 -21.83 -36.03
C SER C 17 -24.86 -21.24 -34.86
N LEU C 18 -24.18 -20.37 -34.11
CA LEU C 18 -24.81 -19.58 -33.06
C LEU C 18 -24.28 -18.15 -33.13
N ARG C 19 -24.87 -17.27 -32.32
CA ARG C 19 -24.34 -15.92 -32.12
C ARG C 19 -24.46 -15.55 -30.65
N LEU C 20 -23.33 -15.27 -30.02
CA LEU C 20 -23.32 -14.71 -28.67
C LEU C 20 -23.04 -13.22 -28.74
N SER C 21 -23.40 -12.53 -27.66
CA SER C 21 -23.28 -11.07 -27.63
C SER C 21 -22.87 -10.61 -26.24
N CYS C 22 -22.19 -9.47 -26.20
CA CYS C 22 -21.79 -8.83 -24.95
C CYS C 22 -22.05 -7.33 -25.07
N ALA C 23 -23.05 -6.84 -24.33
CA ALA C 23 -23.38 -5.43 -24.32
C ALA C 23 -22.60 -4.73 -23.21
N ALA C 24 -21.97 -3.61 -23.55
CA ALA C 24 -21.15 -2.87 -22.61
C ALA C 24 -21.99 -1.86 -21.85
N SER C 25 -21.52 -1.50 -20.66
CA SER C 25 -22.20 -0.48 -19.88
C SER C 25 -21.22 0.22 -18.95
N GLY C 26 -21.21 1.55 -19.00
CA GLY C 26 -20.47 2.35 -18.05
C GLY C 26 -19.12 2.87 -18.51
N PHE C 27 -18.72 2.60 -19.75
CA PHE C 27 -17.41 3.01 -20.22
C PHE C 27 -17.49 3.28 -21.72
N PRO C 28 -16.49 3.98 -22.28
CA PRO C 28 -16.48 4.21 -23.73
C PRO C 28 -16.11 2.96 -24.52
N PHE C 29 -17.11 2.13 -24.82
CA PHE C 29 -16.87 0.87 -25.52
C PHE C 29 -16.10 1.08 -26.82
N SER C 30 -16.57 1.97 -27.69
CA SER C 30 -15.96 2.17 -28.99
C SER C 30 -14.55 2.75 -28.92
N SER C 31 -14.05 3.06 -27.73
CA SER C 31 -12.68 3.51 -27.56
C SER C 31 -11.71 2.36 -27.32
N TYR C 32 -12.22 1.21 -26.87
CA TYR C 32 -11.40 0.05 -26.54
C TYR C 32 -11.45 -0.99 -27.65
N GLY C 33 -10.39 -1.78 -27.74
CA GLY C 33 -10.50 -3.10 -28.32
C GLY C 33 -11.11 -4.07 -27.33
N MET C 34 -11.60 -5.20 -27.81
CA MET C 34 -12.28 -6.15 -26.95
C MET C 34 -11.81 -7.56 -27.23
N HIS C 35 -12.19 -8.49 -26.35
CA HIS C 35 -11.78 -9.87 -26.49
C HIS C 35 -12.92 -10.81 -26.12
N TRP C 36 -12.93 -11.98 -26.77
CA TRP C 36 -13.66 -13.14 -26.29
C TRP C 36 -12.66 -14.18 -25.82
N VAL C 37 -12.82 -14.63 -24.57
CA VAL C 37 -12.00 -15.66 -23.98
C VAL C 37 -12.92 -16.74 -23.43
N ARG C 38 -12.65 -17.99 -23.80
CA ARG C 38 -13.50 -19.11 -23.44
C ARG C 38 -12.82 -19.98 -22.39
N GLN C 39 -13.56 -20.30 -21.33
CA GLN C 39 -13.11 -21.26 -20.33
C GLN C 39 -13.67 -22.61 -20.74
N ALA C 40 -12.85 -23.42 -21.41
CA ALA C 40 -13.23 -24.78 -21.76
C ALA C 40 -13.61 -25.52 -20.47
N PRO C 41 -14.82 -26.05 -20.37
CA PRO C 41 -15.31 -26.56 -19.08
C PRO C 41 -14.47 -27.73 -18.59
N GLY C 42 -13.71 -27.50 -17.53
CA GLY C 42 -12.74 -28.47 -17.06
C GLY C 42 -11.32 -27.94 -17.15
N LYS C 43 -11.03 -27.23 -18.25
CA LYS C 43 -9.71 -26.63 -18.46
C LYS C 43 -9.75 -25.16 -18.07
N GLY C 44 -8.62 -24.48 -18.28
CA GLY C 44 -8.48 -23.08 -17.93
C GLY C 44 -9.01 -22.18 -19.02
N LEU C 45 -8.72 -20.88 -18.85
CA LEU C 45 -9.15 -19.89 -19.83
C LEU C 45 -8.37 -20.06 -21.13
N GLU C 46 -9.06 -19.89 -22.25
CA GLU C 46 -8.49 -20.08 -23.58
C GLU C 46 -8.93 -18.92 -24.47
N TRP C 47 -7.99 -18.04 -24.80
CA TRP C 47 -8.31 -16.91 -25.68
C TRP C 47 -8.75 -17.42 -27.04
N VAL C 48 -9.88 -16.88 -27.53
CA VAL C 48 -10.45 -17.29 -28.81
C VAL C 48 -10.52 -16.15 -29.81
N ALA C 49 -10.89 -14.94 -29.36
CA ALA C 49 -11.09 -13.86 -30.31
C ALA C 49 -10.73 -12.51 -29.69
N GLY C 50 -10.53 -11.53 -30.57
CA GLY C 50 -10.24 -10.16 -30.17
C GLY C 50 -10.35 -9.21 -31.34
N VAL C 51 -10.74 -7.96 -31.09
CA VAL C 51 -10.97 -6.99 -32.14
C VAL C 51 -10.48 -5.62 -31.71
N SER C 52 -10.05 -4.82 -32.69
CA SER C 52 -9.58 -3.47 -32.44
C SER C 52 -10.76 -2.54 -32.14
N TYR C 53 -10.46 -1.26 -31.93
CA TYR C 53 -11.51 -0.32 -31.55
C TYR C 53 -12.39 0.03 -32.75
N ASP C 54 -11.80 0.10 -33.95
CA ASP C 54 -12.58 0.43 -35.14
C ASP C 54 -13.26 -0.79 -35.74
N GLY C 55 -12.65 -1.97 -35.60
CA GLY C 55 -13.16 -3.17 -36.22
C GLY C 55 -12.52 -3.53 -37.55
N SER C 56 -11.48 -2.81 -37.97
CA SER C 56 -10.80 -3.11 -39.22
C SER C 56 -9.72 -4.16 -39.06
N TYR C 57 -9.11 -4.24 -37.89
CA TYR C 57 -8.10 -5.25 -37.57
C TYR C 57 -8.70 -6.23 -36.58
N LYS C 58 -8.71 -7.51 -36.94
CA LYS C 58 -9.31 -8.54 -36.11
C LYS C 58 -8.33 -9.68 -35.90
N TYR C 59 -8.31 -10.23 -34.69
CA TYR C 59 -7.34 -11.23 -34.29
C TYR C 59 -8.07 -12.45 -33.74
N TYR C 60 -7.68 -13.64 -34.22
CA TYR C 60 -8.37 -14.88 -33.92
C TYR C 60 -7.37 -15.92 -33.43
N ALA C 61 -7.89 -16.95 -32.76
CA ALA C 61 -7.07 -18.09 -32.39
C ALA C 61 -6.97 -19.06 -33.56
N ASP C 62 -5.85 -19.81 -33.62
CA ASP C 62 -5.62 -20.72 -34.72
C ASP C 62 -6.72 -21.79 -34.82
N SER C 63 -7.32 -22.15 -33.70
CA SER C 63 -8.35 -23.19 -33.70
C SER C 63 -9.63 -22.73 -34.40
N VAL C 64 -9.86 -21.42 -34.49
CA VAL C 64 -11.13 -20.89 -34.98
C VAL C 64 -10.95 -19.94 -36.16
N LYS C 65 -9.75 -19.89 -36.75
CA LYS C 65 -9.53 -19.03 -37.90
C LYS C 65 -10.34 -19.55 -39.11
N GLY C 66 -11.07 -18.63 -39.75
CA GLY C 66 -11.96 -19.00 -40.83
C GLY C 66 -13.19 -19.76 -40.42
N ARG C 67 -13.39 -19.98 -39.12
CA ARG C 67 -14.54 -20.73 -38.62
C ARG C 67 -15.48 -19.88 -37.77
N PHE C 68 -14.94 -19.00 -36.92
CA PHE C 68 -15.73 -18.02 -36.19
C PHE C 68 -15.54 -16.65 -36.82
N THR C 69 -16.34 -15.69 -36.36
CA THR C 69 -16.24 -14.31 -36.85
C THR C 69 -16.67 -13.37 -35.75
N ILE C 70 -15.77 -12.46 -35.36
CA ILE C 70 -16.07 -11.43 -34.37
C ILE C 70 -16.50 -10.17 -35.10
N SER C 71 -17.29 -9.34 -34.42
CA SER C 71 -17.64 -8.03 -34.92
C SER C 71 -18.11 -7.19 -33.74
N ARG C 72 -18.41 -5.92 -34.00
CA ARG C 72 -18.82 -5.01 -32.94
C ARG C 72 -19.68 -3.91 -33.55
N ASP C 73 -20.52 -3.31 -32.71
CA ASP C 73 -21.48 -2.31 -33.14
C ASP C 73 -21.35 -1.08 -32.24
N SER C 74 -21.04 0.06 -32.86
CA SER C 74 -20.92 1.32 -32.13
C SER C 74 -22.29 1.91 -31.80
N SER C 75 -23.25 1.79 -32.72
CA SER C 75 -24.59 2.32 -32.47
C SER C 75 -25.27 1.59 -31.33
N LYS C 76 -25.06 0.28 -31.23
CA LYS C 76 -25.60 -0.53 -30.14
C LYS C 76 -24.59 -0.75 -29.01
N SER C 77 -23.33 -0.39 -29.22
CA SER C 77 -22.27 -0.58 -28.23
C SER C 77 -22.21 -2.04 -27.77
N THR C 78 -22.16 -2.94 -28.74
CA THR C 78 -22.33 -4.37 -28.48
C THR C 78 -21.23 -5.14 -29.19
N LEU C 79 -20.90 -6.32 -28.65
CA LEU C 79 -19.87 -7.19 -29.18
C LEU C 79 -20.50 -8.48 -29.68
N TYR C 80 -20.25 -8.82 -30.95
CA TYR C 80 -20.88 -9.95 -31.61
C TYR C 80 -19.85 -11.05 -31.81
N LEU C 81 -20.17 -12.26 -31.33
CA LEU C 81 -19.35 -13.44 -31.55
C LEU C 81 -20.19 -14.43 -32.34
N GLN C 82 -20.01 -14.42 -33.67
CA GLN C 82 -20.79 -15.21 -34.60
C GLN C 82 -20.03 -16.51 -34.88
N MET C 83 -20.51 -17.61 -34.32
CA MET C 83 -19.85 -18.91 -34.45
C MET C 83 -20.48 -19.71 -35.58
N ASN C 84 -19.63 -20.18 -36.50
CA ASN C 84 -20.03 -21.08 -37.57
C ASN C 84 -19.30 -22.40 -37.43
N SER C 85 -19.89 -23.45 -38.02
CA SER C 85 -19.29 -24.78 -38.05
C SER C 85 -18.91 -25.25 -36.64
N LEU C 86 -19.90 -25.25 -35.75
CA LEU C 86 -19.66 -25.63 -34.37
C LEU C 86 -19.33 -27.12 -34.24
N ARG C 87 -18.59 -27.44 -33.18
CA ARG C 87 -18.25 -28.82 -32.87
C ARG C 87 -17.93 -28.91 -31.38
N PRO C 88 -18.05 -30.09 -30.78
CA PRO C 88 -17.91 -30.19 -29.31
C PRO C 88 -16.57 -29.71 -28.76
N GLU C 89 -15.54 -29.55 -29.59
CA GLU C 89 -14.32 -28.90 -29.14
C GLU C 89 -14.56 -27.45 -28.76
N ASP C 90 -15.59 -26.81 -29.34
CA ASP C 90 -15.94 -25.44 -29.02
C ASP C 90 -16.82 -25.33 -27.77
N THR C 91 -17.23 -26.44 -27.19
CA THR C 91 -18.00 -26.41 -25.94
C THR C 91 -17.19 -25.67 -24.88
N ALA C 92 -17.74 -24.57 -24.37
CA ALA C 92 -16.98 -23.76 -23.44
C ALA C 92 -17.88 -22.72 -22.79
N VAL C 93 -17.50 -22.30 -21.59
CA VAL C 93 -18.15 -21.18 -20.93
C VAL C 93 -17.54 -19.90 -21.49
N TYR C 94 -18.28 -19.19 -22.32
CA TYR C 94 -17.74 -18.03 -23.00
C TYR C 94 -17.78 -16.79 -22.10
N TYR C 95 -16.72 -15.99 -22.22
CA TYR C 95 -16.55 -14.74 -21.50
C TYR C 95 -16.20 -13.64 -22.48
N CYS C 96 -16.86 -12.50 -22.37
CA CYS C 96 -16.39 -11.29 -23.02
C CYS C 96 -15.53 -10.52 -22.04
N ALA C 97 -14.45 -9.93 -22.54
CA ALA C 97 -13.44 -9.37 -21.65
C ALA C 97 -12.84 -8.12 -22.27
N ARG C 98 -12.46 -7.19 -21.39
CA ARG C 98 -12.00 -5.87 -21.79
C ARG C 98 -10.51 -5.73 -21.52
N PRO C 99 -9.66 -5.62 -22.54
CA PRO C 99 -8.23 -5.39 -22.29
C PRO C 99 -8.01 -4.03 -21.63
N SER C 100 -7.08 -4.00 -20.68
CA SER C 100 -6.90 -2.84 -19.83
C SER C 100 -6.38 -1.64 -20.62
N ALA C 101 -6.74 -0.45 -20.15
CA ALA C 101 -6.24 0.80 -20.70
C ALA C 101 -5.02 1.24 -19.92
N ILE C 102 -4.02 1.75 -20.64
CA ILE C 102 -2.76 2.14 -20.01
C ILE C 102 -2.56 3.63 -20.27
N PHE C 103 -1.38 4.15 -19.87
CA PHE C 103 -1.20 5.54 -19.47
C PHE C 103 -2.08 6.54 -20.21
N GLY C 104 -2.01 6.56 -21.53
CA GLY C 104 -2.84 7.49 -22.29
C GLY C 104 -3.63 6.83 -23.40
N ILE C 105 -3.24 5.60 -23.74
CA ILE C 105 -3.73 4.92 -24.92
C ILE C 105 -4.51 3.67 -24.51
N TYR C 106 -5.50 3.33 -25.34
CA TYR C 106 -6.39 2.21 -25.09
C TYR C 106 -5.90 1.03 -25.92
N ILE C 107 -4.86 0.36 -25.43
CA ILE C 107 -4.19 -0.69 -26.18
C ILE C 107 -5.04 -1.96 -26.20
N ILE C 108 -4.93 -2.70 -27.30
CA ILE C 108 -5.65 -3.95 -27.45
C ILE C 108 -4.94 -5.12 -26.77
N LEU C 109 -3.65 -5.00 -26.51
CA LEU C 109 -2.79 -6.12 -26.15
C LEU C 109 -2.31 -5.90 -24.72
N ASN C 110 -3.09 -6.39 -23.75
CA ASN C 110 -2.83 -6.13 -22.33
C ASN C 110 -3.64 -7.13 -21.50
N GLY C 111 -3.50 -7.01 -20.18
CA GLY C 111 -4.39 -7.73 -19.29
C GLY C 111 -5.82 -7.24 -19.38
N LEU C 112 -6.74 -8.09 -18.94
CA LEU C 112 -8.17 -7.88 -19.15
C LEU C 112 -8.82 -7.40 -17.86
N ASP C 113 -9.46 -6.22 -17.91
CA ASP C 113 -10.03 -5.62 -16.71
C ASP C 113 -11.39 -6.22 -16.35
N VAL C 114 -12.37 -6.07 -17.23
CA VAL C 114 -13.76 -6.37 -16.90
C VAL C 114 -14.21 -7.59 -17.70
N TRP C 115 -14.93 -8.48 -17.02
CA TRP C 115 -15.43 -9.72 -17.58
C TRP C 115 -16.95 -9.74 -17.51
N GLY C 116 -17.56 -10.57 -18.35
CA GLY C 116 -18.98 -10.83 -18.26
C GLY C 116 -19.27 -11.92 -17.24
N GLN C 117 -20.57 -12.16 -17.03
CA GLN C 117 -20.97 -13.17 -16.05
C GLN C 117 -20.53 -14.56 -16.47
N GLY C 118 -20.33 -14.80 -17.77
CA GLY C 118 -19.98 -16.11 -18.27
C GLY C 118 -21.21 -16.84 -18.79
N THR C 119 -21.37 -16.90 -20.10
CA THR C 119 -22.52 -17.55 -20.71
C THR C 119 -22.07 -18.86 -21.36
N THR C 120 -22.73 -19.95 -20.98
CA THR C 120 -22.24 -21.30 -21.25
C THR C 120 -22.71 -21.79 -22.61
N VAL C 121 -21.79 -22.33 -23.40
CA VAL C 121 -22.08 -22.89 -24.71
C VAL C 121 -21.84 -24.39 -24.63
N THR C 122 -22.92 -25.16 -24.78
CA THR C 122 -22.88 -26.63 -24.72
C THR C 122 -23.12 -27.18 -26.10
N VAL C 123 -22.31 -28.16 -26.50
CA VAL C 123 -22.42 -28.80 -27.81
C VAL C 123 -22.45 -30.30 -27.59
N SER C 124 -23.62 -30.91 -27.79
CA SER C 124 -23.75 -32.36 -27.67
C SER C 124 -23.47 -33.04 -29.01
N GLU D 1 3.79 -20.65 -30.42
CA GLU D 1 3.19 -19.84 -29.37
C GLU D 1 4.15 -19.54 -28.22
N ILE D 2 3.56 -19.06 -27.13
CA ILE D 2 4.21 -18.94 -25.84
C ILE D 2 3.43 -19.83 -24.87
N VAL D 3 4.15 -20.65 -24.11
CA VAL D 3 3.53 -21.65 -23.24
C VAL D 3 3.79 -21.27 -21.79
N LEU D 4 2.72 -21.06 -21.03
CA LEU D 4 2.81 -20.76 -19.61
C LEU D 4 2.77 -22.04 -18.79
N THR D 5 3.51 -22.04 -17.67
CA THR D 5 3.63 -23.21 -16.82
C THR D 5 3.53 -22.77 -15.36
N GLN D 6 2.33 -22.87 -14.79
CA GLN D 6 2.13 -22.49 -13.40
C GLN D 6 2.58 -23.60 -12.47
N SER D 7 3.25 -23.22 -11.38
CA SER D 7 3.76 -24.18 -10.37
C SER D 7 3.57 -23.60 -8.96
N PRO D 8 3.15 -24.41 -7.95
CA PRO D 8 2.65 -25.77 -8.20
C PRO D 8 1.22 -25.76 -8.76
N SER D 9 0.78 -26.89 -9.31
CA SER D 9 -0.55 -27.00 -9.90
C SER D 9 -1.66 -26.81 -8.87
N SER D 10 -1.37 -27.07 -7.60
CA SER D 10 -2.34 -26.85 -6.52
C SER D 10 -1.57 -26.78 -5.21
N VAL D 11 -2.25 -26.28 -4.19
CA VAL D 11 -1.64 -26.12 -2.88
C VAL D 11 -2.74 -25.94 -1.84
N SER D 12 -2.51 -26.51 -0.66
CA SER D 12 -3.35 -26.30 0.51
C SER D 12 -2.57 -25.55 1.58
N ALA D 13 -3.27 -24.72 2.34
CA ALA D 13 -2.62 -23.93 3.37
C ALA D 13 -3.67 -23.40 4.34
N SER D 14 -3.20 -22.95 5.49
CA SER D 14 -4.05 -22.31 6.49
C SER D 14 -4.06 -20.80 6.27
N VAL D 15 -4.89 -20.11 7.04
CA VAL D 15 -4.99 -18.66 6.95
C VAL D 15 -3.80 -18.03 7.67
N GLY D 16 -3.06 -17.18 6.96
CA GLY D 16 -1.88 -16.55 7.50
C GLY D 16 -0.56 -17.02 6.90
N ASP D 17 -0.59 -17.96 5.96
CA ASP D 17 0.63 -18.51 5.40
C ASP D 17 1.15 -17.63 4.26
N ARG D 18 2.46 -17.70 4.02
CA ARG D 18 3.12 -16.97 2.94
C ARG D 18 3.05 -17.84 1.69
N VAL D 19 2.14 -17.49 0.78
CA VAL D 19 1.85 -18.32 -0.38
C VAL D 19 2.68 -17.85 -1.56
N THR D 20 3.30 -18.79 -2.27
CA THR D 20 4.14 -18.52 -3.42
C THR D 20 3.66 -19.33 -4.62
N ILE D 21 3.48 -18.65 -5.74
CA ILE D 21 3.06 -19.24 -7.01
C ILE D 21 4.02 -18.74 -8.07
N THR D 22 4.14 -19.49 -9.17
CA THR D 22 4.99 -19.09 -10.27
C THR D 22 4.20 -19.09 -11.58
N CYS D 23 4.56 -18.17 -12.47
CA CYS D 23 4.15 -18.21 -13.86
C CYS D 23 5.42 -18.11 -14.71
N ARG D 24 5.47 -18.90 -15.78
CA ARG D 24 6.76 -19.25 -16.35
C ARG D 24 6.57 -19.63 -17.82
N ALA D 25 7.13 -18.83 -18.72
CA ALA D 25 6.90 -18.91 -20.15
C ALA D 25 8.22 -19.12 -20.90
N THR D 26 8.14 -19.07 -22.23
CA THR D 26 9.31 -19.25 -23.09
C THR D 26 9.93 -17.93 -23.54
N GLN D 27 9.18 -17.10 -24.26
CA GLN D 27 9.75 -15.92 -24.90
C GLN D 27 10.09 -14.84 -23.88
N GLY D 28 10.59 -13.73 -24.41
CA GLY D 28 10.73 -12.50 -23.65
C GLY D 28 9.45 -11.70 -23.66
N ILE D 29 8.67 -11.90 -22.61
CA ILE D 29 7.35 -11.23 -22.46
C ILE D 29 7.52 -10.05 -21.51
N SER D 30 8.75 -9.62 -21.28
CA SER D 30 9.09 -8.47 -20.42
C SER D 30 8.30 -8.50 -19.12
N SER D 31 7.22 -7.71 -19.04
CA SER D 31 6.43 -7.65 -17.78
C SER D 31 4.95 -7.72 -18.12
N TRP D 32 4.61 -8.20 -19.31
CA TRP D 32 3.21 -8.34 -19.72
C TRP D 32 2.61 -9.61 -19.12
N LEU D 33 2.35 -9.53 -17.82
CA LEU D 33 1.75 -10.63 -17.08
C LEU D 33 0.59 -10.10 -16.23
N ALA D 34 -0.53 -10.83 -16.25
CA ALA D 34 -1.73 -10.43 -15.52
C ALA D 34 -2.22 -11.60 -14.68
N TRP D 35 -2.22 -11.41 -13.35
CA TRP D 35 -2.74 -12.41 -12.42
C TRP D 35 -4.20 -12.16 -12.13
N TYR D 36 -4.98 -13.25 -12.16
CA TYR D 36 -6.43 -13.25 -12.04
C TYR D 36 -6.86 -14.19 -10.93
N GLN D 37 -7.82 -13.73 -10.13
CA GLN D 37 -8.51 -14.54 -9.14
C GLN D 37 -9.75 -15.15 -9.78
N GLN D 38 -10.10 -16.34 -9.31
CA GLN D 38 -11.31 -17.05 -9.74
C GLN D 38 -11.95 -17.84 -8.62
N LYS D 39 -13.22 -17.60 -8.40
CA LYS D 39 -14.10 -18.42 -7.60
C LYS D 39 -14.97 -19.30 -8.49
N PRO D 40 -15.27 -20.54 -8.08
CA PRO D 40 -15.95 -21.50 -8.96
C PRO D 40 -17.29 -20.95 -9.46
N GLY D 41 -17.46 -20.99 -10.77
CA GLY D 41 -18.65 -20.46 -11.40
C GLY D 41 -18.66 -18.97 -11.62
N LYS D 42 -17.59 -18.27 -11.22
CA LYS D 42 -17.51 -16.83 -11.33
C LYS D 42 -16.44 -16.41 -12.33
N PRO D 43 -16.61 -15.27 -12.99
CA PRO D 43 -15.58 -14.79 -13.93
C PRO D 43 -14.37 -14.28 -13.16
N PRO D 44 -13.22 -14.19 -13.82
CA PRO D 44 -12.00 -13.71 -13.14
C PRO D 44 -12.10 -12.25 -12.75
N LYS D 45 -11.16 -11.84 -11.89
CA LYS D 45 -10.99 -10.45 -11.48
C LYS D 45 -9.50 -10.13 -11.57
N LEU D 46 -9.15 -9.15 -12.40
CA LEU D 46 -7.75 -8.79 -12.60
C LEU D 46 -7.11 -8.41 -11.26
N LEU D 47 -6.12 -9.21 -10.84
CA LEU D 47 -5.40 -8.91 -9.61
C LEU D 47 -4.14 -8.09 -9.88
N ILE D 48 -3.27 -8.54 -10.78
CA ILE D 48 -1.98 -7.88 -11.00
C ILE D 48 -1.78 -7.65 -12.49
N PHE D 49 -1.60 -6.39 -12.88
CA PHE D 49 -1.22 -6.05 -14.25
C PHE D 49 0.19 -5.49 -14.26
N GLY D 50 0.87 -5.63 -15.40
CA GLY D 50 2.26 -5.25 -15.48
C GLY D 50 3.21 -6.09 -14.66
N ALA D 51 2.72 -7.21 -14.12
CA ALA D 51 3.50 -8.21 -13.39
C ALA D 51 3.95 -7.73 -12.01
N SER D 52 3.75 -6.44 -11.72
CA SER D 52 3.94 -5.94 -10.35
C SER D 52 2.88 -4.95 -9.90
N SER D 53 2.20 -4.26 -10.81
CA SER D 53 1.29 -3.18 -10.41
C SER D 53 0.03 -3.74 -9.77
N LEU D 54 -0.26 -3.27 -8.56
CA LEU D 54 -1.44 -3.72 -7.85
C LEU D 54 -2.69 -3.06 -8.44
N GLN D 55 -3.71 -3.86 -8.72
CA GLN D 55 -4.95 -3.34 -9.27
C GLN D 55 -5.66 -2.48 -8.23
N SER D 56 -6.40 -1.49 -8.71
CA SER D 56 -7.10 -0.57 -7.82
C SER D 56 -8.13 -1.33 -6.97
N GLY D 57 -8.12 -1.07 -5.67
CA GLY D 57 -9.02 -1.74 -4.75
C GLY D 57 -8.58 -3.11 -4.28
N VAL D 58 -7.61 -3.72 -4.94
CA VAL D 58 -7.10 -5.03 -4.51
C VAL D 58 -6.22 -4.82 -3.27
N PRO D 59 -6.38 -5.63 -2.23
CA PRO D 59 -5.59 -5.41 -1.00
C PRO D 59 -4.10 -5.45 -1.27
N SER D 60 -3.35 -4.74 -0.42
CA SER D 60 -1.90 -4.66 -0.55
C SER D 60 -1.21 -5.99 -0.26
N ARG D 61 -1.94 -6.99 0.24
CA ARG D 61 -1.34 -8.29 0.52
C ARG D 61 -1.11 -9.12 -0.74
N PHE D 62 -1.77 -8.79 -1.85
CA PHE D 62 -1.47 -9.41 -3.13
C PHE D 62 -0.28 -8.71 -3.78
N SER D 63 0.72 -9.49 -4.19
CA SER D 63 1.92 -8.93 -4.79
C SER D 63 2.38 -9.79 -5.95
N GLY D 64 2.93 -9.13 -6.96
CA GLY D 64 3.47 -9.83 -8.13
C GLY D 64 4.93 -9.49 -8.37
N SER D 65 5.63 -10.36 -9.10
CA SER D 65 7.06 -10.19 -9.35
C SER D 65 7.45 -11.04 -10.55
N GLY D 66 8.73 -10.96 -10.91
CA GLY D 66 9.26 -11.59 -12.10
C GLY D 66 9.50 -10.60 -13.22
N SER D 67 10.34 -11.00 -14.18
CA SER D 67 10.65 -10.12 -15.29
C SER D 67 11.21 -10.93 -16.45
N GLY D 68 10.56 -10.84 -17.60
CA GLY D 68 11.07 -11.44 -18.83
C GLY D 68 10.94 -12.95 -18.91
N THR D 69 11.58 -13.63 -17.97
CA THR D 69 11.68 -15.07 -17.96
C THR D 69 10.91 -15.70 -16.81
N ASP D 70 11.22 -15.30 -15.57
CA ASP D 70 10.67 -15.93 -14.38
C ASP D 70 9.66 -15.00 -13.73
N PHE D 71 8.44 -15.52 -13.48
CA PHE D 71 7.36 -14.75 -12.90
C PHE D 71 6.85 -15.42 -11.63
N THR D 72 6.36 -14.61 -10.69
CA THR D 72 5.96 -15.11 -9.38
C THR D 72 4.77 -14.30 -8.85
N LEU D 73 3.83 -15.00 -8.22
CA LEU D 73 2.71 -14.37 -7.51
C LEU D 73 2.82 -14.71 -6.03
N THR D 74 3.03 -13.69 -5.20
CA THR D 74 3.19 -13.88 -3.76
C THR D 74 2.03 -13.27 -3.01
N ILE D 75 1.52 -14.01 -2.02
CA ILE D 75 0.45 -13.53 -1.15
C ILE D 75 0.97 -13.62 0.29
N SER D 76 0.93 -12.49 0.99
CA SER D 76 1.56 -12.41 2.31
C SER D 76 0.69 -13.05 3.39
N SER D 77 -0.49 -12.49 3.63
CA SER D 77 -1.38 -12.91 4.72
C SER D 77 -2.70 -13.35 4.11
N LEU D 78 -2.83 -14.66 3.85
CA LEU D 78 -4.02 -15.18 3.19
C LEU D 78 -5.24 -15.01 4.09
N GLN D 79 -6.39 -14.78 3.47
CA GLN D 79 -7.65 -14.55 4.13
C GLN D 79 -8.70 -15.52 3.61
N PRO D 80 -9.78 -15.76 4.36
CA PRO D 80 -10.75 -16.79 3.94
C PRO D 80 -11.34 -16.57 2.56
N GLU D 81 -11.67 -15.32 2.20
CA GLU D 81 -12.23 -15.05 0.89
C GLU D 81 -11.24 -15.28 -0.23
N ASP D 82 -9.94 -15.36 0.08
CA ASP D 82 -8.91 -15.54 -0.93
C ASP D 82 -8.80 -16.96 -1.46
N PHE D 83 -9.50 -17.91 -0.83
CA PHE D 83 -9.56 -19.28 -1.34
C PHE D 83 -10.13 -19.27 -2.75
N ALA D 84 -9.30 -19.61 -3.74
CA ALA D 84 -9.67 -19.41 -5.14
C ALA D 84 -8.71 -20.20 -6.02
N THR D 85 -8.91 -20.08 -7.33
CA THR D 85 -8.03 -20.62 -8.35
C THR D 85 -7.46 -19.46 -9.15
N TYR D 86 -6.15 -19.47 -9.36
CA TYR D 86 -5.43 -18.32 -9.88
C TYR D 86 -4.88 -18.62 -11.27
N PHE D 87 -4.96 -17.63 -12.15
CA PHE D 87 -4.53 -17.77 -13.54
C PHE D 87 -3.67 -16.58 -13.95
N CYS D 88 -2.52 -16.84 -14.56
CA CYS D 88 -1.67 -15.78 -15.10
C CYS D 88 -1.93 -15.62 -16.61
N GLN D 89 -1.59 -14.44 -17.12
CA GLN D 89 -1.88 -14.10 -18.51
C GLN D 89 -0.64 -13.55 -19.21
N GLN D 90 -0.34 -14.11 -20.39
CA GLN D 90 0.63 -13.51 -21.28
C GLN D 90 -0.04 -12.43 -22.13
N ALA D 91 0.66 -11.29 -22.29
CA ALA D 91 0.12 -10.17 -23.05
C ALA D 91 1.15 -9.50 -23.95
N HIS D 92 2.29 -10.15 -24.19
CA HIS D 92 3.33 -9.56 -25.04
C HIS D 92 2.84 -9.46 -26.48
N SER D 93 2.31 -10.56 -27.02
CA SER D 93 1.80 -10.55 -28.38
C SER D 93 0.76 -11.66 -28.52
N PHE D 94 -0.08 -11.55 -29.55
CA PHE D 94 -1.14 -12.55 -29.83
C PHE D 94 -0.48 -13.90 -30.18
N PRO D 95 -1.15 -15.05 -29.95
CA PRO D 95 -2.42 -15.07 -29.20
C PRO D 95 -2.18 -15.03 -27.69
N LEU D 96 -3.17 -14.56 -26.94
CA LEU D 96 -3.08 -14.47 -25.48
C LEU D 96 -3.10 -15.88 -24.87
N THR D 97 -2.13 -16.15 -24.01
CA THR D 97 -1.97 -17.46 -23.40
C THR D 97 -2.26 -17.38 -21.90
N PHE D 98 -2.92 -18.40 -21.37
CA PHE D 98 -3.20 -18.51 -19.94
C PHE D 98 -2.55 -19.76 -19.38
N GLY D 99 -2.62 -19.90 -18.05
CA GLY D 99 -1.99 -21.00 -17.36
C GLY D 99 -2.94 -22.15 -17.07
N GLY D 100 -2.40 -23.18 -16.45
CA GLY D 100 -3.15 -24.36 -16.08
C GLY D 100 -3.96 -24.25 -14.82
N GLY D 101 -3.86 -23.14 -14.10
CA GLY D 101 -4.61 -22.95 -12.87
C GLY D 101 -3.83 -23.32 -11.63
N THR D 102 -3.90 -22.48 -10.60
CA THR D 102 -3.25 -22.74 -9.31
C THR D 102 -4.27 -22.47 -8.21
N LYS D 103 -4.86 -23.53 -7.67
CA LYS D 103 -5.92 -23.41 -6.69
C LYS D 103 -5.35 -23.49 -5.28
N VAL D 104 -6.06 -22.87 -4.34
CA VAL D 104 -5.68 -22.86 -2.93
C VAL D 104 -6.79 -23.53 -2.14
N GLU D 105 -6.51 -24.71 -1.59
CA GLU D 105 -7.47 -25.45 -0.81
C GLU D 105 -7.26 -25.20 0.69
N ILE D 106 -8.09 -25.84 1.52
CA ILE D 106 -8.12 -25.60 2.95
C ILE D 106 -7.26 -26.65 3.63
N LYS D 107 -6.43 -26.21 4.58
CA LYS D 107 -5.60 -27.12 5.36
C LYS D 107 -5.96 -27.06 6.85
#